data_2E62
#
_entry.id   2E62
#
_entity_poly.entity_id   1
_entity_poly.type   'polypeptide(L)'
_entity_poly.pdbx_seq_one_letter_code
;GSSGSSGNGMDEEQRQKRRRIEVALIEYRETLEEQGMKNPEEIERKVEINRKRLEVDYGLS
;
_entity_poly.pdbx_strand_id   A
#
# COMPACT_ATOMS: atom_id res chain seq x y z
N GLY A 1 20.13 -10.28 13.48
CA GLY A 1 20.51 -11.44 12.72
C GLY A 1 19.45 -11.83 11.71
N SER A 2 19.56 -11.28 10.49
CA SER A 2 18.61 -11.58 9.43
C SER A 2 18.57 -13.07 9.13
N SER A 3 17.42 -13.54 8.65
CA SER A 3 17.26 -14.96 8.32
C SER A 3 16.29 -15.13 7.15
N GLY A 4 16.64 -16.02 6.23
CA GLY A 4 15.80 -16.26 5.07
C GLY A 4 15.48 -15.00 4.31
N SER A 5 16.53 -14.31 3.84
CA SER A 5 16.35 -13.07 3.10
C SER A 5 15.63 -13.33 1.77
N SER A 6 14.55 -12.60 1.54
CA SER A 6 13.78 -12.75 0.32
C SER A 6 14.14 -11.67 -0.70
N GLY A 7 15.20 -11.91 -1.46
CA GLY A 7 15.63 -10.96 -2.45
C GLY A 7 16.71 -11.51 -3.36
N ASN A 8 16.32 -12.31 -4.34
CA ASN A 8 17.27 -12.91 -5.27
C ASN A 8 17.24 -12.19 -6.62
N GLY A 9 16.04 -11.75 -7.01
CA GLY A 9 15.90 -11.05 -8.27
C GLY A 9 15.15 -9.74 -8.13
N MET A 10 14.15 -9.53 -8.99
CA MET A 10 13.35 -8.31 -8.94
C MET A 10 12.66 -8.16 -7.59
N ASP A 11 12.38 -9.28 -6.95
CA ASP A 11 11.72 -9.26 -5.64
C ASP A 11 12.46 -8.34 -4.67
N GLU A 12 13.77 -8.27 -4.80
CA GLU A 12 14.59 -7.44 -3.94
C GLU A 12 14.07 -6.00 -3.93
N GLU A 13 13.48 -5.58 -5.05
CA GLU A 13 12.95 -4.23 -5.17
C GLU A 13 11.50 -4.18 -4.69
N GLN A 14 10.81 -5.31 -4.79
CA GLN A 14 9.41 -5.40 -4.37
C GLN A 14 9.30 -5.36 -2.85
N ARG A 15 10.21 -6.05 -2.18
CA ARG A 15 10.22 -6.10 -0.72
C ARG A 15 10.18 -4.70 -0.13
N GLN A 16 10.80 -3.75 -0.83
CA GLN A 16 10.84 -2.36 -0.37
C GLN A 16 9.50 -1.69 -0.58
N LYS A 17 8.95 -1.81 -1.78
CA LYS A 17 7.67 -1.21 -2.12
C LYS A 17 6.59 -1.62 -1.10
N ARG A 18 6.69 -2.86 -0.63
CA ARG A 18 5.72 -3.38 0.34
C ARG A 18 5.65 -2.47 1.57
N ARG A 19 6.77 -1.84 1.90
CA ARG A 19 6.84 -0.95 3.05
C ARG A 19 6.16 0.38 2.75
N ARG A 20 6.44 0.92 1.58
CA ARG A 20 5.84 2.19 1.16
C ARG A 20 4.33 2.15 1.28
N ILE A 21 3.74 0.99 1.00
CA ILE A 21 2.30 0.81 1.07
C ILE A 21 1.83 0.72 2.51
N GLU A 22 2.61 0.00 3.34
CA GLU A 22 2.27 -0.17 4.74
C GLU A 22 2.17 1.18 5.45
N VAL A 23 3.29 1.89 5.52
CA VAL A 23 3.34 3.19 6.18
C VAL A 23 2.25 4.11 5.63
N ALA A 24 2.07 4.09 4.31
CA ALA A 24 1.06 4.93 3.67
C ALA A 24 -0.34 4.55 4.14
N LEU A 25 -0.62 3.26 4.16
CA LEU A 25 -1.93 2.78 4.59
C LEU A 25 -2.25 3.25 6.00
N ILE A 26 -1.34 2.95 6.94
CA ILE A 26 -1.52 3.34 8.33
C ILE A 26 -1.75 4.84 8.45
N GLU A 27 -0.81 5.63 7.94
CA GLU A 27 -0.91 7.08 7.99
C GLU A 27 -2.26 7.55 7.44
N TYR A 28 -2.68 6.94 6.34
CA TYR A 28 -3.95 7.30 5.70
C TYR A 28 -5.12 7.00 6.64
N ARG A 29 -5.17 5.78 7.15
CA ARG A 29 -6.23 5.37 8.06
C ARG A 29 -6.39 6.36 9.20
N GLU A 30 -5.28 6.64 9.89
CA GLU A 30 -5.30 7.56 11.01
C GLU A 30 -5.80 8.93 10.58
N THR A 31 -5.21 9.46 9.52
CA THR A 31 -5.60 10.77 9.01
C THR A 31 -7.10 10.83 8.73
N LEU A 32 -7.64 9.73 8.24
CA LEU A 32 -9.08 9.65 7.93
C LEU A 32 -9.90 9.69 9.21
N GLU A 33 -9.52 8.89 10.20
CA GLU A 33 -10.22 8.84 11.47
C GLU A 33 -10.27 10.22 12.13
N GLU A 34 -9.16 10.94 12.04
CA GLU A 34 -9.07 12.27 12.63
C GLU A 34 -9.71 13.32 11.71
N GLN A 35 -9.75 13.01 10.42
CA GLN A 35 -10.35 13.92 9.44
C GLN A 35 -11.85 14.04 9.66
N GLY A 36 -12.41 13.14 10.46
CA GLY A 36 -13.83 13.16 10.73
C GLY A 36 -14.53 11.92 10.25
N MET A 37 -13.77 10.89 9.93
CA MET A 37 -14.32 9.64 9.45
C MET A 37 -14.61 8.69 10.61
N LYS A 38 -15.89 8.48 10.89
CA LYS A 38 -16.30 7.60 11.97
C LYS A 38 -17.16 6.45 11.44
N ASN A 39 -16.93 6.08 10.19
CA ASN A 39 -17.67 4.99 9.57
C ASN A 39 -16.73 4.01 8.87
N PRO A 40 -17.12 2.73 8.86
CA PRO A 40 -16.33 1.67 8.23
C PRO A 40 -16.30 1.78 6.70
N GLU A 41 -17.48 1.94 6.12
CA GLU A 41 -17.60 2.07 4.67
C GLU A 41 -16.70 3.18 4.14
N GLU A 42 -16.75 4.34 4.79
CA GLU A 42 -15.95 5.48 4.39
C GLU A 42 -14.45 5.12 4.39
N ILE A 43 -13.93 4.83 5.58
CA ILE A 43 -12.52 4.48 5.71
C ILE A 43 -12.15 3.35 4.76
N GLU A 44 -12.86 2.24 4.84
CA GLU A 44 -12.60 1.09 3.97
C GLU A 44 -12.56 1.52 2.51
N ARG A 45 -13.51 2.36 2.11
CA ARG A 45 -13.58 2.84 0.74
C ARG A 45 -12.30 3.56 0.35
N LYS A 46 -12.00 4.65 1.06
CA LYS A 46 -10.80 5.43 0.79
C LYS A 46 -9.55 4.55 0.85
N VAL A 47 -9.36 3.89 1.98
CA VAL A 47 -8.20 3.01 2.17
C VAL A 47 -8.07 2.03 1.01
N GLU A 48 -9.16 1.33 0.70
CA GLU A 48 -9.16 0.36 -0.38
C GLU A 48 -8.64 0.98 -1.67
N ILE A 49 -9.24 2.09 -2.08
CA ILE A 49 -8.83 2.77 -3.29
C ILE A 49 -7.34 3.11 -3.26
N ASN A 50 -6.87 3.54 -2.10
CA ASN A 50 -5.46 3.90 -1.92
C ASN A 50 -4.56 2.67 -2.10
N ARG A 51 -4.85 1.62 -1.34
CA ARG A 51 -4.07 0.39 -1.40
C ARG A 51 -3.96 -0.10 -2.84
N LYS A 52 -5.08 -0.09 -3.55
CA LYS A 52 -5.11 -0.53 -4.94
C LYS A 52 -4.28 0.38 -5.82
N ARG A 53 -4.45 1.69 -5.64
CA ARG A 53 -3.70 2.68 -6.43
C ARG A 53 -2.21 2.49 -6.26
N LEU A 54 -1.75 2.49 -5.01
CA LEU A 54 -0.34 2.32 -4.71
C LEU A 54 0.19 1.01 -5.28
N GLU A 55 -0.52 -0.08 -5.00
CA GLU A 55 -0.12 -1.40 -5.48
C GLU A 55 0.10 -1.37 -6.99
N VAL A 56 -0.84 -0.77 -7.71
CA VAL A 56 -0.75 -0.68 -9.17
C VAL A 56 0.32 0.34 -9.59
N ASP A 57 0.60 1.29 -8.70
CA ASP A 57 1.60 2.32 -8.99
C ASP A 57 3.01 1.73 -8.90
N TYR A 58 3.19 0.77 -8.01
CA TYR A 58 4.50 0.14 -7.83
C TYR A 58 4.59 -1.15 -8.66
N GLY A 59 3.78 -1.23 -9.70
CA GLY A 59 3.79 -2.41 -10.56
C GLY A 59 3.65 -3.69 -9.77
N LEU A 60 2.98 -3.62 -8.62
CA LEU A 60 2.77 -4.78 -7.78
C LEU A 60 1.47 -5.50 -8.14
N SER A 61 0.54 -4.75 -8.72
CA SER A 61 -0.75 -5.31 -9.12
C SER A 61 -1.08 -4.95 -10.56
N GLY A 1 5.55 -26.87 -8.25
CA GLY A 1 5.20 -26.42 -6.91
C GLY A 1 6.38 -26.42 -5.97
N SER A 2 6.90 -25.23 -5.67
CA SER A 2 8.04 -25.10 -4.78
C SER A 2 7.77 -24.04 -3.72
N SER A 3 8.58 -24.06 -2.66
CA SER A 3 8.43 -23.10 -1.57
C SER A 3 9.01 -21.74 -1.96
N GLY A 4 8.31 -21.04 -2.85
CA GLY A 4 8.77 -19.74 -3.29
C GLY A 4 9.34 -19.76 -4.69
N SER A 5 10.37 -18.95 -4.93
CA SER A 5 11.01 -18.88 -6.23
C SER A 5 12.51 -18.65 -6.09
N SER A 6 13.28 -19.33 -6.93
CA SER A 6 14.74 -19.21 -6.90
C SER A 6 15.18 -17.85 -7.43
N GLY A 7 14.42 -17.32 -8.38
CA GLY A 7 14.75 -16.02 -8.96
C GLY A 7 13.87 -15.68 -10.15
N ASN A 8 13.30 -14.49 -10.14
CA ASN A 8 12.43 -14.05 -11.24
C ASN A 8 12.97 -12.76 -11.86
N GLY A 9 12.92 -11.67 -11.11
CA GLY A 9 13.40 -10.40 -11.61
C GLY A 9 12.86 -9.22 -10.83
N MET A 10 13.75 -8.33 -10.40
CA MET A 10 13.35 -7.15 -9.65
C MET A 10 12.47 -7.54 -8.46
N ASP A 11 12.86 -8.62 -7.76
CA ASP A 11 12.10 -9.09 -6.62
C ASP A 11 12.46 -8.29 -5.37
N GLU A 12 13.75 -8.06 -5.17
CA GLU A 12 14.22 -7.31 -4.01
C GLU A 12 13.55 -5.94 -3.94
N GLU A 13 13.27 -5.37 -5.11
CA GLU A 13 12.63 -4.05 -5.19
C GLU A 13 11.20 -4.11 -4.65
N GLN A 14 10.51 -5.20 -4.95
CA GLN A 14 9.14 -5.38 -4.49
C GLN A 14 9.03 -5.19 -2.98
N ARG A 15 9.84 -5.92 -2.24
CA ARG A 15 9.84 -5.84 -0.78
C ARG A 15 9.99 -4.39 -0.32
N GLN A 16 10.96 -3.69 -0.91
CA GLN A 16 11.21 -2.30 -0.55
C GLN A 16 10.00 -1.43 -0.90
N LYS A 17 9.30 -1.79 -1.97
CA LYS A 17 8.13 -1.05 -2.40
C LYS A 17 6.93 -1.34 -1.50
N ARG A 18 6.91 -2.54 -0.92
CA ARG A 18 5.82 -2.94 -0.04
C ARG A 18 5.77 -2.05 1.20
N ARG A 19 6.94 -1.76 1.77
CA ARG A 19 7.02 -0.92 2.96
C ARG A 19 6.29 0.41 2.73
N ARG A 20 6.52 1.01 1.57
CA ARG A 20 5.89 2.28 1.24
C ARG A 20 4.37 2.17 1.31
N ILE A 21 3.85 0.95 1.12
CA ILE A 21 2.42 0.73 1.17
C ILE A 21 1.92 0.63 2.60
N GLU A 22 2.65 -0.11 3.44
CA GLU A 22 2.30 -0.27 4.84
C GLU A 22 2.19 1.08 5.54
N VAL A 23 3.32 1.77 5.64
CA VAL A 23 3.35 3.08 6.28
C VAL A 23 2.29 4.01 5.70
N ALA A 24 2.14 3.98 4.38
CA ALA A 24 1.16 4.82 3.71
C ALA A 24 -0.25 4.48 4.16
N LEU A 25 -0.56 3.19 4.19
CA LEU A 25 -1.88 2.73 4.61
C LEU A 25 -2.20 3.20 6.03
N ILE A 26 -1.32 2.87 6.97
CA ILE A 26 -1.51 3.26 8.36
C ILE A 26 -1.74 4.76 8.48
N GLU A 27 -0.80 5.54 7.96
CA GLU A 27 -0.89 6.99 8.01
C GLU A 27 -2.25 7.47 7.48
N TYR A 28 -2.65 6.91 6.35
CA TYR A 28 -3.93 7.27 5.73
C TYR A 28 -5.09 6.98 6.67
N ARG A 29 -5.14 5.76 7.19
CA ARG A 29 -6.19 5.34 8.10
C ARG A 29 -6.35 6.34 9.24
N GLU A 30 -5.24 6.62 9.93
CA GLU A 30 -5.24 7.55 11.05
C GLU A 30 -5.78 8.91 10.62
N THR A 31 -5.23 9.44 9.52
CA THR A 31 -5.66 10.74 9.01
C THR A 31 -7.15 10.74 8.71
N LEU A 32 -7.66 9.62 8.21
CA LEU A 32 -9.08 9.51 7.88
C LEU A 32 -9.94 9.61 9.14
N GLU A 33 -9.60 8.80 10.14
CA GLU A 33 -10.34 8.81 11.39
C GLU A 33 -10.33 10.19 12.03
N GLU A 34 -9.18 10.87 11.96
CA GLU A 34 -9.04 12.20 12.53
C GLU A 34 -9.70 13.25 11.64
N GLN A 35 -9.83 12.93 10.36
CA GLN A 35 -10.44 13.85 9.40
C GLN A 35 -11.96 13.87 9.57
N GLY A 36 -12.46 13.00 10.44
CA GLY A 36 -13.89 12.95 10.67
C GLY A 36 -14.49 11.61 10.28
N MET A 37 -13.74 10.83 9.51
CA MET A 37 -14.21 9.51 9.07
C MET A 37 -14.51 8.61 10.26
N LYS A 38 -15.80 8.44 10.54
CA LYS A 38 -16.23 7.60 11.66
C LYS A 38 -16.97 6.37 11.15
N ASN A 39 -17.30 6.36 9.87
CA ASN A 39 -18.01 5.24 9.26
C ASN A 39 -17.03 4.22 8.67
N PRO A 40 -17.42 2.95 8.67
CA PRO A 40 -16.60 1.85 8.14
C PRO A 40 -16.47 1.91 6.63
N GLU A 41 -17.61 2.05 5.95
CA GLU A 41 -17.63 2.12 4.49
C GLU A 41 -16.74 3.25 3.99
N GLU A 42 -16.86 4.42 4.62
CA GLU A 42 -16.07 5.58 4.24
C GLU A 42 -14.58 5.27 4.30
N ILE A 43 -14.11 4.85 5.47
CA ILE A 43 -12.70 4.51 5.65
C ILE A 43 -12.28 3.38 4.72
N GLU A 44 -12.98 2.25 4.81
CA GLU A 44 -12.67 1.09 3.99
C GLU A 44 -12.62 1.49 2.51
N ARG A 45 -13.47 2.42 2.12
CA ARG A 45 -13.52 2.88 0.74
C ARG A 45 -12.24 3.63 0.36
N LYS A 46 -11.99 4.72 1.08
CA LYS A 46 -10.80 5.54 0.83
C LYS A 46 -9.53 4.69 0.89
N VAL A 47 -9.39 3.94 1.99
CA VAL A 47 -8.22 3.08 2.16
C VAL A 47 -8.07 2.10 1.01
N GLU A 48 -9.15 1.39 0.70
CA GLU A 48 -9.13 0.42 -0.39
C GLU A 48 -8.62 1.05 -1.67
N ILE A 49 -9.13 2.24 -1.99
CA ILE A 49 -8.71 2.96 -3.20
C ILE A 49 -7.23 3.27 -3.16
N ASN A 50 -6.74 3.74 -2.01
CA ASN A 50 -5.34 4.08 -1.84
C ASN A 50 -4.46 2.85 -1.99
N ARG A 51 -4.75 1.82 -1.21
CA ARG A 51 -3.99 0.58 -1.25
C ARG A 51 -3.89 0.05 -2.69
N LYS A 52 -5.04 -0.12 -3.32
CA LYS A 52 -5.09 -0.62 -4.69
C LYS A 52 -4.32 0.31 -5.63
N ARG A 53 -4.44 1.60 -5.40
CA ARG A 53 -3.75 2.59 -6.22
C ARG A 53 -2.23 2.45 -6.10
N LEU A 54 -1.75 2.33 -4.87
CA LEU A 54 -0.33 2.18 -4.62
C LEU A 54 0.21 0.87 -5.22
N GLU A 55 -0.49 -0.22 -4.94
CA GLU A 55 -0.09 -1.53 -5.44
C GLU A 55 0.01 -1.51 -6.96
N VAL A 56 -1.03 -0.98 -7.61
CA VAL A 56 -1.06 -0.91 -9.07
C VAL A 56 -0.06 0.12 -9.58
N ASP A 57 0.23 1.12 -8.76
CA ASP A 57 1.18 2.17 -9.14
C ASP A 57 2.61 1.67 -9.03
N TYR A 58 2.83 0.69 -8.15
CA TYR A 58 4.16 0.13 -7.95
C TYR A 58 4.35 -1.13 -8.80
N GLY A 59 3.60 -1.22 -9.88
CA GLY A 59 3.70 -2.38 -10.75
C GLY A 59 3.56 -3.69 -10.00
N LEU A 60 2.83 -3.66 -8.90
CA LEU A 60 2.62 -4.85 -8.08
C LEU A 60 1.36 -5.59 -8.51
N SER A 61 0.41 -4.85 -9.10
CA SER A 61 -0.85 -5.44 -9.56
C SER A 61 -0.94 -5.38 -11.08
N GLY A 1 16.45 -25.09 4.63
CA GLY A 1 15.96 -25.04 3.26
C GLY A 1 17.08 -25.04 2.24
N SER A 2 17.33 -26.20 1.63
CA SER A 2 18.39 -26.33 0.64
C SER A 2 18.08 -25.51 -0.60
N SER A 3 18.70 -24.34 -0.70
CA SER A 3 18.48 -23.45 -1.84
C SER A 3 19.80 -22.94 -2.39
N GLY A 4 19.83 -22.63 -3.67
CA GLY A 4 21.03 -22.12 -4.30
C GLY A 4 20.87 -21.92 -5.79
N SER A 5 20.31 -20.78 -6.17
CA SER A 5 20.09 -20.46 -7.58
C SER A 5 20.50 -19.03 -7.88
N SER A 6 20.92 -18.78 -9.12
CA SER A 6 21.35 -17.45 -9.53
C SER A 6 20.20 -16.70 -10.22
N GLY A 7 20.31 -15.38 -10.26
CA GLY A 7 19.28 -14.57 -10.88
C GLY A 7 18.04 -14.45 -10.02
N ASN A 8 17.80 -13.24 -9.50
CA ASN A 8 16.65 -12.99 -8.66
C ASN A 8 15.56 -12.26 -9.43
N GLY A 9 15.96 -11.30 -10.25
CA GLY A 9 15.01 -10.53 -11.03
C GLY A 9 14.83 -9.12 -10.51
N MET A 10 13.58 -8.74 -10.26
CA MET A 10 13.28 -7.41 -9.76
C MET A 10 12.46 -7.49 -8.48
N ASP A 11 12.62 -8.59 -7.74
CA ASP A 11 11.89 -8.78 -6.49
C ASP A 11 12.45 -7.89 -5.39
N GLU A 12 13.77 -7.72 -5.38
CA GLU A 12 14.42 -6.90 -4.37
C GLU A 12 13.81 -5.50 -4.33
N GLU A 13 13.33 -5.03 -5.48
CA GLU A 13 12.71 -3.71 -5.56
C GLU A 13 11.28 -3.74 -5.03
N GLN A 14 10.61 -4.87 -5.22
CA GLN A 14 9.23 -5.03 -4.76
C GLN A 14 9.16 -4.91 -3.24
N ARG A 15 10.08 -5.58 -2.55
CA ARG A 15 10.11 -5.55 -1.09
C ARG A 15 10.12 -4.11 -0.57
N GLN A 16 10.89 -3.26 -1.24
CA GLN A 16 10.98 -1.86 -0.85
C GLN A 16 9.62 -1.16 -0.96
N LYS A 17 8.87 -1.51 -2.00
CA LYS A 17 7.56 -0.93 -2.22
C LYS A 17 6.55 -1.46 -1.21
N ARG A 18 6.70 -2.72 -0.83
CA ARG A 18 5.81 -3.36 0.13
C ARG A 18 5.71 -2.52 1.41
N ARG A 19 6.85 -2.00 1.86
CA ARG A 19 6.90 -1.18 3.06
C ARG A 19 6.26 0.19 2.83
N ARG A 20 6.55 0.78 1.67
CA ARG A 20 6.00 2.09 1.32
C ARG A 20 4.48 2.08 1.42
N ILE A 21 3.88 0.95 1.03
CA ILE A 21 2.43 0.81 1.07
C ILE A 21 1.91 0.73 2.50
N GLU A 22 2.55 -0.12 3.31
CA GLU A 22 2.16 -0.29 4.70
C GLU A 22 2.10 1.06 5.41
N VAL A 23 3.23 1.74 5.48
CA VAL A 23 3.30 3.05 6.14
C VAL A 23 2.23 4.00 5.60
N ALA A 24 2.11 4.05 4.28
CA ALA A 24 1.12 4.91 3.64
C ALA A 24 -0.28 4.60 4.13
N LEU A 25 -0.65 3.32 4.07
CA LEU A 25 -1.98 2.89 4.52
C LEU A 25 -2.24 3.35 5.94
N ILE A 26 -1.32 3.03 6.85
CA ILE A 26 -1.47 3.41 8.24
C ILE A 26 -1.73 4.89 8.38
N GLU A 27 -0.79 5.71 7.90
CA GLU A 27 -0.93 7.15 7.97
C GLU A 27 -2.27 7.61 7.41
N TYR A 28 -2.67 7.00 6.30
CA TYR A 28 -3.94 7.34 5.66
C TYR A 28 -5.12 7.06 6.59
N ARG A 29 -5.18 5.82 7.09
CA ARG A 29 -6.25 5.42 7.99
C ARG A 29 -6.39 6.41 9.15
N GLU A 30 -5.27 6.67 9.83
CA GLU A 30 -5.27 7.60 10.96
C GLU A 30 -5.81 8.96 10.55
N THR A 31 -5.28 9.49 9.45
CA THR A 31 -5.71 10.79 8.95
C THR A 31 -7.21 10.83 8.72
N LEU A 32 -7.75 9.72 8.24
CA LEU A 32 -9.19 9.61 7.98
C LEU A 32 -9.98 9.66 9.27
N GLU A 33 -9.56 8.87 10.25
CA GLU A 33 -10.25 8.82 11.54
C GLU A 33 -10.24 10.19 12.21
N GLU A 34 -9.13 10.91 12.05
CA GLU A 34 -8.99 12.24 12.64
C GLU A 34 -9.69 13.29 11.77
N GLN A 35 -9.82 13.00 10.49
CA GLN A 35 -10.45 13.92 9.55
C GLN A 35 -11.96 14.00 9.80
N GLY A 36 -12.45 13.11 10.66
CA GLY A 36 -13.88 13.10 10.98
C GLY A 36 -14.55 11.82 10.56
N MET A 37 -13.86 11.02 9.75
CA MET A 37 -14.40 9.76 9.27
C MET A 37 -14.77 8.85 10.45
N LYS A 38 -16.07 8.67 10.67
CA LYS A 38 -16.55 7.84 11.75
C LYS A 38 -17.42 6.69 11.22
N ASN A 39 -17.03 6.17 10.06
CA ASN A 39 -17.78 5.07 9.44
C ASN A 39 -16.82 4.08 8.78
N PRO A 40 -17.22 2.79 8.79
CA PRO A 40 -16.41 1.72 8.19
C PRO A 40 -16.38 1.80 6.67
N GLU A 41 -17.55 1.95 6.07
CA GLU A 41 -17.65 2.04 4.61
C GLU A 41 -16.75 3.16 4.07
N GLU A 42 -16.81 4.32 4.71
CA GLU A 42 -16.00 5.46 4.29
C GLU A 42 -14.51 5.11 4.33
N ILE A 43 -14.01 4.85 5.54
CA ILE A 43 -12.61 4.51 5.72
C ILE A 43 -12.19 3.38 4.79
N GLU A 44 -12.93 2.27 4.85
CA GLU A 44 -12.64 1.11 4.00
C GLU A 44 -12.57 1.51 2.53
N ARG A 45 -13.49 2.40 2.13
CA ARG A 45 -13.53 2.86 0.75
C ARG A 45 -12.24 3.58 0.36
N LYS A 46 -11.94 4.67 1.06
CA LYS A 46 -10.73 5.43 0.80
C LYS A 46 -9.49 4.55 0.90
N VAL A 47 -9.33 3.89 2.04
CA VAL A 47 -8.20 3.00 2.26
C VAL A 47 -8.04 2.01 1.11
N GLU A 48 -9.12 1.31 0.79
CA GLU A 48 -9.10 0.33 -0.29
C GLU A 48 -8.56 0.94 -1.57
N ILE A 49 -9.14 2.05 -1.99
CA ILE A 49 -8.71 2.74 -3.20
C ILE A 49 -7.22 3.07 -3.15
N ASN A 50 -6.80 3.70 -2.05
CA ASN A 50 -5.41 4.08 -1.87
C ASN A 50 -4.49 2.85 -1.96
N ARG A 51 -4.98 1.73 -1.44
CA ARG A 51 -4.20 0.49 -1.46
C ARG A 51 -3.99 0.01 -2.89
N LYS A 52 -5.08 -0.18 -3.63
CA LYS A 52 -5.00 -0.63 -5.00
C LYS A 52 -4.23 0.36 -5.87
N ARG A 53 -4.30 1.64 -5.50
CA ARG A 53 -3.60 2.69 -6.24
C ARG A 53 -2.09 2.53 -6.10
N LEU A 54 -1.62 2.54 -4.85
CA LEU A 54 -0.19 2.40 -4.58
C LEU A 54 0.35 1.10 -5.14
N GLU A 55 -0.39 0.02 -4.92
CA GLU A 55 0.01 -1.29 -5.42
C GLU A 55 0.18 -1.29 -6.93
N VAL A 56 -0.89 -0.95 -7.64
CA VAL A 56 -0.87 -0.92 -9.09
C VAL A 56 0.13 0.13 -9.59
N ASP A 57 0.40 1.13 -8.75
CA ASP A 57 1.33 2.19 -9.11
C ASP A 57 2.77 1.72 -8.95
N TYR A 58 2.99 0.81 -8.01
CA TYR A 58 4.32 0.28 -7.74
C TYR A 58 4.55 -1.04 -8.49
N GLY A 59 3.82 -1.21 -9.59
CA GLY A 59 3.95 -2.42 -10.38
C GLY A 59 3.81 -3.68 -9.55
N LEU A 60 2.98 -3.60 -8.50
CA LEU A 60 2.76 -4.74 -7.63
C LEU A 60 1.41 -5.40 -7.91
N SER A 61 0.48 -4.61 -8.45
CA SER A 61 -0.85 -5.11 -8.77
C SER A 61 -1.23 -4.77 -10.20
N GLY A 1 28.52 -18.25 0.16
CA GLY A 1 27.66 -18.65 -0.94
C GLY A 1 27.68 -17.65 -2.08
N SER A 2 27.76 -18.18 -3.31
CA SER A 2 27.78 -17.32 -4.49
C SER A 2 26.72 -17.76 -5.49
N SER A 3 25.54 -17.14 -5.41
CA SER A 3 24.44 -17.47 -6.32
C SER A 3 23.89 -16.21 -6.97
N GLY A 4 23.50 -16.34 -8.24
CA GLY A 4 22.95 -15.21 -8.96
C GLY A 4 24.04 -14.32 -9.55
N SER A 5 24.31 -14.51 -10.84
CA SER A 5 25.34 -13.72 -11.52
C SER A 5 24.72 -12.50 -12.20
N SER A 6 23.88 -12.75 -13.19
CA SER A 6 23.22 -11.67 -13.93
C SER A 6 22.08 -11.07 -13.11
N GLY A 7 21.47 -11.89 -12.26
CA GLY A 7 20.38 -11.42 -11.43
C GLY A 7 19.03 -11.86 -11.96
N ASN A 8 18.42 -12.82 -11.28
CA ASN A 8 17.11 -13.34 -11.69
C ASN A 8 16.01 -12.84 -10.75
N GLY A 9 16.00 -13.37 -9.53
CA GLY A 9 15.00 -12.97 -8.55
C GLY A 9 15.01 -11.48 -8.30
N MET A 10 13.82 -10.89 -8.23
CA MET A 10 13.70 -9.45 -7.98
C MET A 10 12.80 -9.19 -6.78
N ASP A 11 12.79 -10.11 -5.83
CA ASP A 11 11.97 -9.97 -4.63
C ASP A 11 12.43 -8.80 -3.79
N GLU A 12 13.74 -8.58 -3.76
CA GLU A 12 14.32 -7.48 -2.98
C GLU A 12 13.71 -6.15 -3.39
N GLU A 13 13.27 -6.07 -4.64
CA GLU A 13 12.65 -4.84 -5.15
C GLU A 13 11.20 -4.73 -4.72
N GLN A 14 10.54 -5.89 -4.58
CA GLN A 14 9.14 -5.92 -4.17
C GLN A 14 9.01 -5.70 -2.67
N ARG A 15 9.82 -6.42 -1.89
CA ARG A 15 9.79 -6.31 -0.44
C ARG A 15 9.94 -4.85 -0.02
N GLN A 16 10.73 -4.09 -0.76
CA GLN A 16 10.94 -2.68 -0.46
C GLN A 16 9.68 -1.86 -0.73
N LYS A 17 8.95 -2.25 -1.77
CA LYS A 17 7.72 -1.55 -2.14
C LYS A 17 6.64 -1.76 -1.09
N ARG A 18 6.54 -2.99 -0.58
CA ARG A 18 5.55 -3.32 0.43
C ARG A 18 5.62 -2.34 1.61
N ARG A 19 6.83 -1.90 1.92
CA ARG A 19 7.04 -0.96 3.03
C ARG A 19 6.35 0.37 2.74
N ARG A 20 6.60 0.92 1.56
CA ARG A 20 6.01 2.19 1.17
C ARG A 20 4.48 2.13 1.27
N ILE A 21 3.93 0.94 1.09
CA ILE A 21 2.48 0.75 1.16
C ILE A 21 2.01 0.65 2.61
N GLU A 22 2.77 -0.07 3.43
CA GLU A 22 2.43 -0.24 4.84
C GLU A 22 2.32 1.11 5.53
N VAL A 23 3.43 1.83 5.62
CA VAL A 23 3.46 3.14 6.26
C VAL A 23 2.37 4.05 5.70
N ALA A 24 2.19 4.00 4.38
CA ALA A 24 1.17 4.82 3.72
C ALA A 24 -0.23 4.47 4.23
N LEU A 25 -0.56 3.18 4.18
CA LEU A 25 -1.87 2.72 4.62
C LEU A 25 -2.15 3.17 6.05
N ILE A 26 -1.21 2.90 6.95
CA ILE A 26 -1.37 3.29 8.35
C ILE A 26 -1.62 4.79 8.48
N GLU A 27 -0.69 5.59 7.99
CA GLU A 27 -0.82 7.05 8.05
C GLU A 27 -2.15 7.49 7.46
N TYR A 28 -2.47 6.99 6.27
CA TYR A 28 -3.71 7.34 5.60
C TYR A 28 -4.92 7.03 6.49
N ARG A 29 -5.00 5.80 6.98
CA ARG A 29 -6.10 5.39 7.84
C ARG A 29 -6.28 6.37 9.00
N GLU A 30 -5.19 6.64 9.72
CA GLU A 30 -5.24 7.55 10.85
C GLU A 30 -5.81 8.90 10.43
N THR A 31 -5.31 9.43 9.32
CA THR A 31 -5.76 10.72 8.82
C THR A 31 -7.27 10.71 8.58
N LEU A 32 -7.76 9.64 7.97
CA LEU A 32 -9.19 9.52 7.68
C LEU A 32 -10.00 9.50 8.97
N GLU A 33 -9.51 8.77 9.97
CA GLU A 33 -10.19 8.68 11.25
C GLU A 33 -10.29 10.04 11.92
N GLU A 34 -9.19 10.80 11.86
CA GLU A 34 -9.15 12.13 12.47
C GLU A 34 -9.89 13.14 11.61
N GLN A 35 -10.03 12.82 10.32
CA GLN A 35 -10.72 13.71 9.39
C GLN A 35 -12.19 13.86 9.76
N GLY A 36 -12.68 12.98 10.63
CA GLY A 36 -14.06 13.03 11.07
C GLY A 36 -14.84 11.80 10.65
N MET A 37 -14.25 10.97 9.80
CA MET A 37 -14.90 9.76 9.33
C MET A 37 -14.98 8.73 10.45
N LYS A 38 -16.19 8.50 10.96
CA LYS A 38 -16.40 7.55 12.04
C LYS A 38 -17.16 6.33 11.54
N ASN A 39 -17.13 6.12 10.22
CA ASN A 39 -17.83 4.99 9.61
C ASN A 39 -16.85 4.04 8.94
N PRO A 40 -17.16 2.74 8.97
CA PRO A 40 -16.32 1.70 8.37
C PRO A 40 -16.32 1.77 6.85
N GLU A 41 -17.49 1.93 6.26
CA GLU A 41 -17.62 2.01 4.81
C GLU A 41 -16.75 3.13 4.25
N GLU A 42 -16.90 4.33 4.81
CA GLU A 42 -16.14 5.49 4.37
C GLU A 42 -14.64 5.18 4.36
N ILE A 43 -14.10 4.94 5.55
CA ILE A 43 -12.67 4.63 5.69
C ILE A 43 -12.27 3.48 4.77
N GLU A 44 -13.00 2.38 4.85
CA GLU A 44 -12.71 1.21 4.04
C GLU A 44 -12.61 1.59 2.56
N ARG A 45 -13.58 2.37 2.09
CA ARG A 45 -13.61 2.81 0.71
C ARG A 45 -12.34 3.58 0.36
N LYS A 46 -12.09 4.68 1.07
CA LYS A 46 -10.92 5.50 0.84
C LYS A 46 -9.64 4.67 0.90
N VAL A 47 -9.44 4.01 2.03
CA VAL A 47 -8.26 3.17 2.22
C VAL A 47 -8.10 2.18 1.07
N GLU A 48 -9.18 1.47 0.77
CA GLU A 48 -9.16 0.49 -0.32
C GLU A 48 -8.62 1.10 -1.60
N ILE A 49 -9.16 2.26 -1.97
CA ILE A 49 -8.73 2.94 -3.18
C ILE A 49 -7.24 3.27 -3.13
N ASN A 50 -6.78 3.80 -1.99
CA ASN A 50 -5.38 4.14 -1.82
C ASN A 50 -4.49 2.92 -2.02
N ARG A 51 -4.78 1.86 -1.26
CA ARG A 51 -3.99 0.63 -1.34
C ARG A 51 -3.91 0.15 -2.78
N LYS A 52 -5.06 -0.06 -3.40
CA LYS A 52 -5.12 -0.52 -4.78
C LYS A 52 -4.32 0.39 -5.70
N ARG A 53 -4.51 1.70 -5.55
CA ARG A 53 -3.81 2.67 -6.36
C ARG A 53 -2.29 2.53 -6.19
N LEU A 54 -1.85 2.44 -4.94
CA LEU A 54 -0.43 2.31 -4.65
C LEU A 54 0.14 1.04 -5.26
N GLU A 55 -0.51 -0.09 -4.98
CA GLU A 55 -0.07 -1.37 -5.53
C GLU A 55 0.07 -1.31 -7.04
N VAL A 56 -0.91 -0.71 -7.69
CA VAL A 56 -0.90 -0.59 -9.15
C VAL A 56 0.19 0.38 -9.61
N ASP A 57 0.45 1.40 -8.78
CA ASP A 57 1.46 2.39 -9.11
C ASP A 57 2.85 1.77 -9.11
N TYR A 58 3.16 1.00 -8.07
CA TYR A 58 4.46 0.34 -7.96
C TYR A 58 4.56 -0.84 -8.92
N GLY A 59 3.41 -1.40 -9.28
CA GLY A 59 3.39 -2.54 -10.18
C GLY A 59 3.33 -3.87 -9.45
N LEU A 60 2.74 -3.87 -8.27
CA LEU A 60 2.62 -5.08 -7.48
C LEU A 60 1.30 -5.79 -7.74
N SER A 61 0.30 -5.01 -8.15
CA SER A 61 -1.02 -5.57 -8.45
C SER A 61 -1.35 -5.44 -9.93
N GLY A 1 6.18 -15.58 -9.69
CA GLY A 1 7.55 -15.86 -10.05
C GLY A 1 8.06 -14.99 -11.19
N SER A 2 8.92 -15.56 -12.02
CA SER A 2 9.48 -14.83 -13.15
C SER A 2 9.82 -15.78 -14.31
N SER A 3 9.94 -15.22 -15.51
CA SER A 3 10.26 -16.02 -16.68
C SER A 3 11.72 -15.86 -17.07
N GLY A 4 12.25 -14.65 -16.89
CA GLY A 4 13.64 -14.38 -17.23
C GLY A 4 14.60 -14.96 -16.21
N SER A 5 15.70 -15.51 -16.70
CA SER A 5 16.71 -16.11 -15.82
C SER A 5 17.51 -15.03 -15.10
N SER A 6 16.96 -14.52 -14.01
CA SER A 6 17.62 -13.48 -13.23
C SER A 6 17.80 -13.91 -11.78
N GLY A 7 18.99 -14.39 -11.45
CA GLY A 7 19.26 -14.83 -10.10
C GLY A 7 20.14 -13.85 -9.33
N ASN A 8 19.60 -12.68 -9.04
CA ASN A 8 20.33 -11.65 -8.32
C ASN A 8 19.53 -11.15 -7.12
N GLY A 9 18.33 -10.65 -7.39
CA GLY A 9 17.48 -10.14 -6.32
C GLY A 9 16.27 -9.40 -6.85
N MET A 10 15.18 -10.13 -7.05
CA MET A 10 13.95 -9.53 -7.55
C MET A 10 12.96 -9.27 -6.41
N ASP A 11 12.96 -10.17 -5.43
CA ASP A 11 12.06 -10.04 -4.29
C ASP A 11 12.50 -8.90 -3.38
N GLU A 12 13.81 -8.77 -3.21
CA GLU A 12 14.36 -7.72 -2.35
C GLU A 12 13.80 -6.35 -2.75
N GLU A 13 13.60 -6.15 -4.04
CA GLU A 13 13.07 -4.88 -4.55
C GLU A 13 11.59 -4.73 -4.19
N GLN A 14 10.83 -5.82 -4.37
CA GLN A 14 9.41 -5.81 -4.06
C GLN A 14 9.16 -5.41 -2.61
N ARG A 15 10.08 -5.80 -1.74
CA ARG A 15 9.96 -5.49 -0.32
C ARG A 15 9.74 -3.99 -0.10
N GLN A 16 10.63 -3.18 -0.65
CA GLN A 16 10.54 -1.73 -0.52
C GLN A 16 9.18 -1.24 -1.01
N LYS A 17 8.69 -1.82 -2.10
CA LYS A 17 7.40 -1.44 -2.65
C LYS A 17 6.27 -1.81 -1.71
N ARG A 18 6.47 -2.86 -0.93
CA ARG A 18 5.46 -3.32 0.02
C ARG A 18 5.54 -2.55 1.32
N ARG A 19 6.75 -2.09 1.65
CA ARG A 19 6.97 -1.34 2.88
C ARG A 19 6.32 0.04 2.80
N ARG A 20 6.49 0.69 1.66
CA ARG A 20 5.91 2.02 1.45
C ARG A 20 4.40 1.99 1.59
N ILE A 21 3.78 0.95 1.04
CA ILE A 21 2.33 0.79 1.10
C ILE A 21 1.86 0.66 2.54
N GLU A 22 2.63 -0.05 3.36
CA GLU A 22 2.29 -0.26 4.76
C GLU A 22 2.21 1.08 5.50
N VAL A 23 3.34 1.76 5.60
CA VAL A 23 3.40 3.05 6.28
C VAL A 23 2.33 4.00 5.75
N ALA A 24 2.24 4.09 4.42
CA ALA A 24 1.27 4.97 3.79
C ALA A 24 -0.15 4.63 4.24
N LEU A 25 -0.51 3.35 4.17
CA LEU A 25 -1.84 2.91 4.57
C LEU A 25 -2.14 3.33 6.01
N ILE A 26 -1.19 3.07 6.91
CA ILE A 26 -1.35 3.43 8.31
C ILE A 26 -1.65 4.92 8.47
N GLU A 27 -0.70 5.75 8.02
CA GLU A 27 -0.86 7.19 8.10
C GLU A 27 -2.19 7.64 7.49
N TYR A 28 -2.49 7.15 6.30
CA TYR A 28 -3.72 7.50 5.61
C TYR A 28 -4.94 7.16 6.47
N ARG A 29 -5.00 5.93 6.93
CA ARG A 29 -6.11 5.48 7.77
C ARG A 29 -6.32 6.43 8.94
N GLU A 30 -5.25 6.67 9.70
CA GLU A 30 -5.34 7.56 10.85
C GLU A 30 -5.90 8.92 10.45
N THR A 31 -5.39 9.47 9.35
CA THR A 31 -5.84 10.77 8.86
C THR A 31 -7.34 10.75 8.57
N LEU A 32 -7.81 9.67 7.97
CA LEU A 32 -9.22 9.53 7.64
C LEU A 32 -10.08 9.49 8.90
N GLU A 33 -9.60 8.76 9.91
CA GLU A 33 -10.33 8.64 11.17
C GLU A 33 -10.41 9.99 11.88
N GLU A 34 -9.32 10.74 11.84
CA GLU A 34 -9.28 12.05 12.48
C GLU A 34 -9.99 13.10 11.63
N GLN A 35 -10.09 12.83 10.33
CA GLN A 35 -10.76 13.74 9.41
C GLN A 35 -12.23 13.92 9.78
N GLY A 36 -12.74 12.99 10.58
CA GLY A 36 -14.13 13.06 10.99
C GLY A 36 -14.94 11.87 10.50
N MET A 37 -14.25 10.84 10.05
CA MET A 37 -14.91 9.64 9.55
C MET A 37 -15.00 8.57 10.63
N LYS A 38 -16.22 8.31 11.09
CA LYS A 38 -16.44 7.31 12.14
C LYS A 38 -17.19 6.10 11.58
N ASN A 39 -17.15 5.95 10.26
CA ASN A 39 -17.84 4.83 9.60
C ASN A 39 -16.84 3.92 8.91
N PRO A 40 -17.15 2.62 8.89
CA PRO A 40 -16.29 1.60 8.27
C PRO A 40 -16.26 1.72 6.75
N GLU A 41 -17.44 1.82 6.14
CA GLU A 41 -17.55 1.95 4.70
C GLU A 41 -16.70 3.10 4.18
N GLU A 42 -16.81 4.25 4.84
CA GLU A 42 -16.05 5.43 4.45
C GLU A 42 -14.55 5.15 4.46
N ILE A 43 -14.01 4.90 5.64
CA ILE A 43 -12.59 4.61 5.79
C ILE A 43 -12.15 3.49 4.85
N GLU A 44 -12.82 2.34 4.97
CA GLU A 44 -12.51 1.19 4.12
C GLU A 44 -12.48 1.58 2.65
N ARG A 45 -13.46 2.38 2.24
CA ARG A 45 -13.55 2.83 0.85
C ARG A 45 -12.29 3.60 0.45
N LYS A 46 -12.03 4.70 1.15
CA LYS A 46 -10.87 5.53 0.86
C LYS A 46 -9.59 4.71 0.94
N VAL A 47 -9.37 4.06 2.08
CA VAL A 47 -8.18 3.24 2.28
C VAL A 47 -8.01 2.23 1.15
N GLU A 48 -9.09 1.52 0.83
CA GLU A 48 -9.05 0.53 -0.24
C GLU A 48 -8.55 1.14 -1.54
N ILE A 49 -9.17 2.24 -1.95
CA ILE A 49 -8.78 2.92 -3.18
C ILE A 49 -7.29 3.27 -3.17
N ASN A 50 -6.82 3.78 -2.03
CA ASN A 50 -5.42 4.15 -1.88
C ASN A 50 -4.51 2.94 -2.03
N ARG A 51 -4.81 1.89 -1.28
CA ARG A 51 -4.02 0.66 -1.33
C ARG A 51 -3.88 0.16 -2.76
N LYS A 52 -5.01 -0.01 -3.44
CA LYS A 52 -5.01 -0.48 -4.81
C LYS A 52 -4.19 0.44 -5.70
N ARG A 53 -4.38 1.74 -5.55
CA ARG A 53 -3.65 2.72 -6.34
C ARG A 53 -2.14 2.56 -6.15
N LEU A 54 -1.72 2.44 -4.89
CA LEU A 54 -0.31 2.29 -4.57
C LEU A 54 0.23 0.98 -5.12
N GLU A 55 -0.47 -0.12 -4.83
CA GLU A 55 -0.05 -1.43 -5.30
C GLU A 55 0.19 -1.42 -6.81
N VAL A 56 -0.78 -0.87 -7.55
CA VAL A 56 -0.67 -0.80 -9.00
C VAL A 56 0.35 0.25 -9.43
N ASP A 57 0.55 1.25 -8.59
CA ASP A 57 1.50 2.32 -8.88
C ASP A 57 2.93 1.81 -8.74
N TYR A 58 3.12 0.81 -7.88
CA TYR A 58 4.44 0.24 -7.65
C TYR A 58 4.67 -0.98 -8.53
N GLY A 59 3.93 -1.06 -9.62
CA GLY A 59 4.06 -2.18 -10.53
C GLY A 59 3.93 -3.52 -9.83
N LEU A 60 3.20 -3.53 -8.72
CA LEU A 60 3.01 -4.76 -7.95
C LEU A 60 1.72 -5.46 -8.36
N SER A 61 0.69 -4.67 -8.66
CA SER A 61 -0.60 -5.21 -9.06
C SER A 61 -0.83 -5.02 -10.56
N GLY A 1 -5.55 -9.85 -12.98
CA GLY A 1 -4.24 -9.62 -12.40
C GLY A 1 -3.23 -10.67 -12.80
N SER A 2 -2.35 -11.02 -11.87
CA SER A 2 -1.33 -12.03 -12.15
C SER A 2 -1.31 -13.10 -11.06
N SER A 3 -1.28 -14.36 -11.49
CA SER A 3 -1.27 -15.48 -10.55
C SER A 3 -0.01 -16.32 -10.73
N GLY A 4 0.23 -17.22 -9.78
CA GLY A 4 1.40 -18.07 -9.84
C GLY A 4 2.49 -17.64 -8.87
N SER A 5 2.79 -18.51 -7.91
CA SER A 5 3.81 -18.21 -6.91
C SER A 5 5.09 -18.98 -7.20
N SER A 6 5.72 -18.67 -8.33
CA SER A 6 6.95 -19.34 -8.73
C SER A 6 7.70 -18.51 -9.76
N GLY A 7 9.00 -18.76 -9.88
CA GLY A 7 9.82 -18.03 -10.83
C GLY A 7 10.25 -16.67 -10.31
N ASN A 8 11.54 -16.53 -10.04
CA ASN A 8 12.07 -15.27 -9.53
C ASN A 8 12.21 -14.24 -10.65
N GLY A 9 12.90 -13.15 -10.37
CA GLY A 9 13.10 -12.11 -11.36
C GLY A 9 13.24 -10.73 -10.73
N MET A 10 12.11 -10.12 -10.40
CA MET A 10 12.10 -8.79 -9.80
C MET A 10 11.26 -8.78 -8.52
N ASP A 11 11.16 -9.93 -7.87
CA ASP A 11 10.38 -10.04 -6.64
C ASP A 11 11.10 -9.38 -5.47
N GLU A 12 12.41 -9.61 -5.40
CA GLU A 12 13.22 -9.03 -4.33
C GLU A 12 13.01 -7.52 -4.23
N GLU A 13 12.71 -6.90 -5.37
CA GLU A 13 12.48 -5.46 -5.41
C GLU A 13 11.05 -5.12 -5.00
N GLN A 14 10.11 -5.97 -5.40
CA GLN A 14 8.70 -5.76 -5.07
C GLN A 14 8.47 -5.88 -3.57
N ARG A 15 9.29 -6.68 -2.91
CA ARG A 15 9.18 -6.89 -1.47
C ARG A 15 9.52 -5.62 -0.72
N GLN A 16 10.37 -4.79 -1.32
CA GLN A 16 10.79 -3.53 -0.70
C GLN A 16 9.70 -2.47 -0.85
N LYS A 17 8.91 -2.58 -1.90
CA LYS A 17 7.83 -1.62 -2.15
C LYS A 17 6.72 -1.78 -1.12
N ARG A 18 6.54 -3.00 -0.62
CA ARG A 18 5.51 -3.27 0.37
C ARG A 18 5.62 -2.32 1.55
N ARG A 19 6.84 -2.14 2.07
CA ARG A 19 7.09 -1.25 3.19
C ARG A 19 6.52 0.13 2.92
N ARG A 20 6.67 0.60 1.68
CA ARG A 20 6.18 1.91 1.29
C ARG A 20 4.65 1.94 1.29
N ILE A 21 4.05 0.78 1.06
CA ILE A 21 2.60 0.67 1.03
C ILE A 21 2.01 0.61 2.44
N GLU A 22 2.59 -0.25 3.28
CA GLU A 22 2.13 -0.38 4.66
C GLU A 22 2.08 0.97 5.36
N VAL A 23 3.23 1.62 5.44
CA VAL A 23 3.32 2.93 6.09
C VAL A 23 2.28 3.89 5.53
N ALA A 24 2.23 4.01 4.21
CA ALA A 24 1.27 4.89 3.55
C ALA A 24 -0.15 4.60 4.02
N LEU A 25 -0.52 3.32 4.00
CA LEU A 25 -1.86 2.91 4.42
C LEU A 25 -2.15 3.38 5.84
N ILE A 26 -1.26 3.06 6.77
CA ILE A 26 -1.43 3.46 8.16
C ILE A 26 -1.69 4.96 8.27
N GLU A 27 -0.78 5.75 7.70
CA GLU A 27 -0.91 7.20 7.74
C GLU A 27 -2.29 7.64 7.26
N TYR A 28 -2.69 7.12 6.10
CA TYR A 28 -3.99 7.46 5.52
C TYR A 28 -5.13 7.13 6.49
N ARG A 29 -5.11 5.91 7.02
CA ARG A 29 -6.14 5.48 7.96
C ARG A 29 -6.29 6.49 9.11
N GLU A 30 -5.18 6.76 9.79
CA GLU A 30 -5.18 7.70 10.91
C GLU A 30 -5.78 9.04 10.49
N THR A 31 -5.30 9.57 9.37
CA THR A 31 -5.78 10.84 8.86
C THR A 31 -7.29 10.82 8.64
N LEU A 32 -7.79 9.69 8.16
CA LEU A 32 -9.22 9.52 7.90
C LEU A 32 -10.01 9.57 9.21
N GLU A 33 -9.54 8.83 10.20
CA GLU A 33 -10.21 8.79 11.50
C GLU A 33 -10.25 10.19 12.13
N GLU A 34 -9.16 10.93 11.99
CA GLU A 34 -9.07 12.27 12.55
C GLU A 34 -9.82 13.27 11.68
N GLN A 35 -9.97 12.94 10.40
CA GLN A 35 -10.67 13.81 9.47
C GLN A 35 -12.18 13.83 9.76
N GLY A 36 -12.61 12.94 10.64
CA GLY A 36 -14.01 12.87 10.99
C GLY A 36 -14.65 11.55 10.62
N MET A 37 -13.94 10.77 9.80
CA MET A 37 -14.44 9.47 9.37
C MET A 37 -14.74 8.57 10.57
N LYS A 38 -16.02 8.26 10.77
CA LYS A 38 -16.43 7.42 11.87
C LYS A 38 -17.13 6.15 11.36
N ASN A 39 -17.41 6.12 10.06
CA ASN A 39 -18.07 4.97 9.45
C ASN A 39 -17.05 4.02 8.85
N PRO A 40 -17.36 2.72 8.86
CA PRO A 40 -16.48 1.69 8.31
C PRO A 40 -16.40 1.75 6.79
N GLU A 41 -17.55 1.81 6.14
CA GLU A 41 -17.61 1.87 4.69
C GLU A 41 -16.76 3.03 4.15
N GLU A 42 -16.89 4.19 4.79
CA GLU A 42 -16.14 5.37 4.38
C GLU A 42 -14.64 5.09 4.40
N ILE A 43 -14.12 4.80 5.59
CA ILE A 43 -12.70 4.52 5.75
C ILE A 43 -12.26 3.38 4.83
N GLU A 44 -12.92 2.24 4.96
CA GLU A 44 -12.60 1.07 4.14
C GLU A 44 -12.57 1.44 2.67
N ARG A 45 -13.50 2.29 2.25
CA ARG A 45 -13.59 2.72 0.86
C ARG A 45 -12.35 3.51 0.46
N LYS A 46 -12.11 4.63 1.14
CA LYS A 46 -10.96 5.47 0.86
C LYS A 46 -9.66 4.66 0.93
N VAL A 47 -9.48 3.97 2.05
CA VAL A 47 -8.28 3.15 2.26
C VAL A 47 -8.09 2.17 1.12
N GLU A 48 -9.14 1.41 0.81
CA GLU A 48 -9.09 0.42 -0.26
C GLU A 48 -8.59 1.05 -1.56
N ILE A 49 -9.21 2.17 -1.94
CA ILE A 49 -8.83 2.87 -3.16
C ILE A 49 -7.34 3.24 -3.15
N ASN A 50 -6.89 3.77 -2.02
CA ASN A 50 -5.49 4.16 -1.88
C ASN A 50 -4.57 2.96 -2.04
N ARG A 51 -4.86 1.90 -1.29
CA ARG A 51 -4.06 0.68 -1.36
C ARG A 51 -3.91 0.21 -2.79
N LYS A 52 -5.03 -0.04 -3.45
CA LYS A 52 -5.03 -0.51 -4.84
C LYS A 52 -4.20 0.42 -5.72
N ARG A 53 -4.44 1.72 -5.58
CA ARG A 53 -3.71 2.72 -6.38
C ARG A 53 -2.20 2.57 -6.17
N LEU A 54 -1.79 2.40 -4.91
CA LEU A 54 -0.38 2.25 -4.58
C LEU A 54 0.21 1.02 -5.24
N GLU A 55 -0.39 -0.14 -4.96
CA GLU A 55 0.08 -1.40 -5.54
C GLU A 55 0.20 -1.29 -7.06
N VAL A 56 -0.76 -0.61 -7.68
CA VAL A 56 -0.77 -0.44 -9.13
C VAL A 56 0.28 0.58 -9.55
N ASP A 57 0.57 1.54 -8.68
CA ASP A 57 1.55 2.58 -8.97
C ASP A 57 2.97 2.02 -8.87
N TYR A 58 3.16 1.02 -8.01
CA TYR A 58 4.46 0.40 -7.83
C TYR A 58 4.69 -0.69 -8.86
N GLY A 59 3.62 -1.38 -9.24
CA GLY A 59 3.73 -2.44 -10.22
C GLY A 59 3.65 -3.82 -9.59
N LEU A 60 2.70 -3.99 -8.67
CA LEU A 60 2.52 -5.26 -7.99
C LEU A 60 1.27 -5.98 -8.49
N SER A 61 0.31 -5.20 -8.98
CA SER A 61 -0.95 -5.76 -9.49
C SER A 61 -1.08 -5.50 -10.99
N GLY A 1 9.83 -3.09 -29.79
CA GLY A 1 9.08 -4.00 -28.94
C GLY A 1 9.98 -5.02 -28.26
N SER A 2 9.65 -6.30 -28.43
CA SER A 2 10.42 -7.38 -27.82
C SER A 2 11.33 -8.04 -28.85
N SER A 3 12.63 -8.04 -28.57
CA SER A 3 13.60 -8.65 -29.48
C SER A 3 14.24 -9.88 -28.85
N GLY A 4 14.36 -9.87 -27.52
CA GLY A 4 14.95 -10.99 -26.82
C GLY A 4 14.17 -11.38 -25.58
N SER A 5 14.46 -12.55 -25.04
CA SER A 5 13.77 -13.04 -23.85
C SER A 5 14.66 -12.91 -22.62
N SER A 6 14.11 -12.35 -21.56
CA SER A 6 14.86 -12.16 -20.31
C SER A 6 13.91 -12.11 -19.12
N GLY A 7 14.45 -12.44 -17.94
CA GLY A 7 13.64 -12.43 -16.73
C GLY A 7 14.47 -12.63 -15.48
N ASN A 8 15.26 -11.61 -15.13
CA ASN A 8 16.11 -11.68 -13.94
C ASN A 8 15.28 -12.02 -12.71
N GLY A 9 14.37 -11.11 -12.34
CA GLY A 9 13.54 -11.33 -11.17
C GLY A 9 13.12 -10.03 -10.51
N MET A 10 14.09 -9.33 -9.94
CA MET A 10 13.82 -8.06 -9.27
C MET A 10 12.80 -8.25 -8.15
N ASP A 11 12.93 -9.34 -7.40
CA ASP A 11 12.03 -9.63 -6.30
C ASP A 11 12.31 -8.73 -5.11
N GLU A 12 13.59 -8.51 -4.83
CA GLU A 12 14.00 -7.66 -3.71
C GLU A 12 13.36 -6.29 -3.81
N GLU A 13 13.13 -5.82 -5.04
CA GLU A 13 12.53 -4.52 -5.27
C GLU A 13 11.04 -4.54 -4.94
N GLN A 14 10.38 -5.64 -5.27
CA GLN A 14 8.95 -5.79 -5.01
C GLN A 14 8.68 -5.84 -3.51
N ARG A 15 9.64 -6.35 -2.75
CA ARG A 15 9.51 -6.45 -1.31
C ARG A 15 9.54 -5.07 -0.66
N GLN A 16 10.55 -4.29 -1.01
CA GLN A 16 10.70 -2.95 -0.46
C GLN A 16 9.44 -2.12 -0.68
N LYS A 17 8.81 -2.31 -1.84
CA LYS A 17 7.59 -1.59 -2.18
C LYS A 17 6.49 -1.88 -1.17
N ARG A 18 6.54 -3.07 -0.58
CA ARG A 18 5.54 -3.47 0.40
C ARG A 18 5.56 -2.54 1.62
N ARG A 19 6.76 -2.16 2.04
CA ARG A 19 6.92 -1.28 3.18
C ARG A 19 6.30 0.09 2.91
N ARG A 20 6.60 0.66 1.74
CA ARG A 20 6.07 1.95 1.36
C ARG A 20 4.55 1.98 1.48
N ILE A 21 3.92 0.87 1.12
CA ILE A 21 2.46 0.77 1.19
C ILE A 21 1.98 0.67 2.63
N GLU A 22 2.71 -0.09 3.44
CA GLU A 22 2.36 -0.27 4.84
C GLU A 22 2.27 1.08 5.55
N VAL A 23 3.40 1.77 5.65
CA VAL A 23 3.44 3.07 6.30
C VAL A 23 2.38 4.01 5.73
N ALA A 24 2.29 4.06 4.42
CA ALA A 24 1.31 4.92 3.76
C ALA A 24 -0.10 4.60 4.22
N LEU A 25 -0.48 3.32 4.15
CA LEU A 25 -1.80 2.88 4.57
C LEU A 25 -2.10 3.34 6.00
N ILE A 26 -1.18 3.04 6.91
CA ILE A 26 -1.33 3.43 8.31
C ILE A 26 -1.62 4.92 8.44
N GLU A 27 -0.69 5.74 7.97
CA GLU A 27 -0.84 7.19 8.04
C GLU A 27 -2.18 7.62 7.45
N TYR A 28 -2.49 7.11 6.26
CA TYR A 28 -3.73 7.44 5.58
C TYR A 28 -4.93 7.14 6.46
N ARG A 29 -5.00 5.90 6.95
CA ARG A 29 -6.10 5.48 7.81
C ARG A 29 -6.30 6.45 8.97
N GLU A 30 -5.21 6.71 9.70
CA GLU A 30 -5.26 7.62 10.83
C GLU A 30 -5.83 8.98 10.42
N THR A 31 -5.36 9.49 9.29
CA THR A 31 -5.82 10.77 8.78
C THR A 31 -7.32 10.76 8.52
N LEU A 32 -7.81 9.67 7.97
CA LEU A 32 -9.24 9.53 7.68
C LEU A 32 -10.05 9.51 8.97
N GLU A 33 -9.56 8.80 9.97
CA GLU A 33 -10.25 8.70 11.26
C GLU A 33 -10.33 10.07 11.93
N GLU A 34 -9.23 10.81 11.88
CA GLU A 34 -9.18 12.14 12.48
C GLU A 34 -9.91 13.17 11.62
N GLN A 35 -10.01 12.87 10.33
CA GLN A 35 -10.68 13.77 9.40
C GLN A 35 -12.16 13.91 9.74
N GLY A 36 -12.66 12.99 10.57
CA GLY A 36 -14.05 13.02 10.97
C GLY A 36 -14.82 11.80 10.49
N MET A 37 -14.10 10.79 10.01
CA MET A 37 -14.71 9.57 9.54
C MET A 37 -14.72 8.50 10.62
N LYS A 38 -15.91 8.06 11.01
CA LYS A 38 -16.05 7.04 12.04
C LYS A 38 -16.71 5.78 11.48
N ASN A 39 -17.23 5.89 10.26
CA ASN A 39 -17.90 4.77 9.61
C ASN A 39 -16.88 3.86 8.93
N PRO A 40 -17.18 2.55 8.91
CA PRO A 40 -16.31 1.55 8.29
C PRO A 40 -16.28 1.67 6.77
N GLU A 41 -17.45 1.75 6.16
CA GLU A 41 -17.57 1.86 4.72
C GLU A 41 -16.73 3.04 4.20
N GLU A 42 -16.84 4.17 4.87
CA GLU A 42 -16.10 5.36 4.47
C GLU A 42 -14.60 5.09 4.47
N ILE A 43 -14.05 4.83 5.65
CA ILE A 43 -12.63 4.56 5.79
C ILE A 43 -12.19 3.43 4.85
N GLU A 44 -12.85 2.29 4.96
CA GLU A 44 -12.52 1.14 4.12
C GLU A 44 -12.50 1.54 2.65
N ARG A 45 -13.49 2.34 2.24
CA ARG A 45 -13.59 2.79 0.86
C ARG A 45 -12.34 3.57 0.45
N LYS A 46 -12.09 4.67 1.14
CA LYS A 46 -10.93 5.50 0.86
C LYS A 46 -9.64 4.69 0.92
N VAL A 47 -9.41 4.04 2.06
CA VAL A 47 -8.23 3.22 2.26
C VAL A 47 -8.05 2.22 1.11
N GLU A 48 -9.12 1.50 0.81
CA GLU A 48 -9.09 0.50 -0.26
C GLU A 48 -8.59 1.12 -1.57
N ILE A 49 -9.22 2.22 -1.97
CA ILE A 49 -8.84 2.91 -3.19
C ILE A 49 -7.36 3.28 -3.19
N ASN A 50 -6.89 3.78 -2.04
CA ASN A 50 -5.49 4.16 -1.90
C ASN A 50 -4.57 2.96 -2.08
N ARG A 51 -4.86 1.89 -1.35
CA ARG A 51 -4.05 0.67 -1.43
C ARG A 51 -3.94 0.20 -2.88
N LYS A 52 -5.07 0.05 -3.54
CA LYS A 52 -5.10 -0.40 -4.93
C LYS A 52 -4.26 0.51 -5.82
N ARG A 53 -4.47 1.82 -5.67
CA ARG A 53 -3.73 2.80 -6.46
C ARG A 53 -2.24 2.69 -6.20
N LEU A 54 -1.88 2.46 -4.94
CA LEU A 54 -0.47 2.34 -4.55
C LEU A 54 0.16 1.10 -5.18
N GLU A 55 -0.50 -0.04 -5.01
CA GLU A 55 -0.01 -1.30 -5.56
C GLU A 55 0.20 -1.19 -7.07
N VAL A 56 -0.86 -0.82 -7.78
CA VAL A 56 -0.80 -0.68 -9.23
C VAL A 56 0.28 0.32 -9.63
N ASP A 57 0.35 1.43 -8.91
CA ASP A 57 1.34 2.47 -9.19
C ASP A 57 2.76 1.89 -9.16
N TYR A 58 3.14 1.33 -8.02
CA TYR A 58 4.46 0.74 -7.87
C TYR A 58 4.71 -0.34 -8.92
N GLY A 59 3.64 -1.05 -9.29
CA GLY A 59 3.76 -2.10 -10.27
C GLY A 59 3.67 -3.48 -9.67
N LEU A 60 2.88 -3.60 -8.61
CA LEU A 60 2.71 -4.88 -7.92
C LEU A 60 1.48 -5.62 -8.45
N SER A 61 0.52 -4.86 -8.97
CA SER A 61 -0.70 -5.44 -9.51
C SER A 61 -0.97 -4.91 -10.92
N GLY A 1 40.55 -2.06 -5.80
CA GLY A 1 40.85 -3.48 -5.85
C GLY A 1 40.21 -4.16 -7.04
N SER A 2 38.93 -4.50 -6.91
CA SER A 2 38.21 -5.17 -7.98
C SER A 2 36.83 -4.54 -8.18
N SER A 3 36.49 -4.27 -9.44
CA SER A 3 35.21 -3.66 -9.77
C SER A 3 34.32 -4.63 -10.55
N GLY A 4 33.21 -5.02 -9.93
CA GLY A 4 32.29 -5.94 -10.57
C GLY A 4 30.90 -5.90 -9.95
N SER A 5 29.92 -6.43 -10.68
CA SER A 5 28.55 -6.44 -10.19
C SER A 5 28.10 -7.87 -9.89
N SER A 6 28.26 -8.29 -8.65
CA SER A 6 27.87 -9.63 -8.23
C SER A 6 26.72 -9.58 -7.23
N GLY A 7 25.77 -10.51 -7.38
CA GLY A 7 24.63 -10.55 -6.48
C GLY A 7 23.55 -9.59 -6.89
N ASN A 8 22.70 -10.00 -7.84
CA ASN A 8 21.61 -9.17 -8.31
C ASN A 8 20.26 -9.85 -8.11
N GLY A 9 19.18 -9.12 -8.41
CA GLY A 9 17.85 -9.68 -8.24
C GLY A 9 16.77 -8.64 -8.40
N MET A 10 15.58 -9.07 -8.84
CA MET A 10 14.46 -8.17 -9.03
C MET A 10 13.37 -8.42 -7.98
N ASP A 11 13.77 -8.94 -6.84
CA ASP A 11 12.84 -9.23 -5.76
C ASP A 11 13.03 -8.26 -4.61
N GLU A 12 14.27 -7.94 -4.30
CA GLU A 12 14.59 -7.02 -3.22
C GLU A 12 13.80 -5.72 -3.35
N GLU A 13 13.63 -5.28 -4.59
CA GLU A 13 12.89 -4.05 -4.87
C GLU A 13 11.44 -4.16 -4.40
N GLN A 14 10.81 -5.28 -4.72
CA GLN A 14 9.42 -5.51 -4.33
C GLN A 14 9.24 -5.30 -2.83
N ARG A 15 10.06 -5.99 -2.04
CA ARG A 15 9.98 -5.88 -0.58
C ARG A 15 10.04 -4.42 -0.15
N GLN A 16 11.03 -3.69 -0.65
CA GLN A 16 11.19 -2.29 -0.31
C GLN A 16 9.95 -1.48 -0.70
N LYS A 17 9.28 -1.91 -1.75
CA LYS A 17 8.07 -1.24 -2.23
C LYS A 17 6.88 -1.59 -1.35
N ARG A 18 6.88 -2.80 -0.81
CA ARG A 18 5.80 -3.26 0.05
C ARG A 18 5.67 -2.39 1.29
N ARG A 19 6.82 -1.99 1.84
CA ARG A 19 6.86 -1.16 3.03
C ARG A 19 6.21 0.20 2.77
N ARG A 20 6.49 0.76 1.58
CA ARG A 20 5.94 2.05 1.21
C ARG A 20 4.41 2.04 1.29
N ILE A 21 3.82 0.88 1.05
CA ILE A 21 2.36 0.75 1.10
C ILE A 21 1.87 0.65 2.54
N GLU A 22 2.55 -0.16 3.34
CA GLU A 22 2.19 -0.33 4.74
C GLU A 22 2.12 1.01 5.46
N VAL A 23 3.26 1.69 5.55
CA VAL A 23 3.33 2.98 6.21
C VAL A 23 2.27 3.94 5.66
N ALA A 24 2.19 4.02 4.34
CA ALA A 24 1.22 4.89 3.69
C ALA A 24 -0.20 4.58 4.15
N LEU A 25 -0.55 3.30 4.16
CA LEU A 25 -1.87 2.87 4.59
C LEU A 25 -2.16 3.33 6.01
N ILE A 26 -1.24 3.03 6.93
CA ILE A 26 -1.40 3.42 8.32
C ILE A 26 -1.67 4.91 8.45
N GLU A 27 -0.75 5.72 7.93
CA GLU A 27 -0.89 7.18 7.99
C GLU A 27 -2.25 7.61 7.45
N TYR A 28 -2.62 7.06 6.30
CA TYR A 28 -3.89 7.40 5.68
C TYR A 28 -5.06 7.11 6.62
N ARG A 29 -5.11 5.87 7.12
CA ARG A 29 -6.17 5.47 8.03
C ARG A 29 -6.30 6.45 9.19
N GLU A 30 -5.19 6.72 9.86
CA GLU A 30 -5.18 7.64 10.99
C GLU A 30 -5.76 9.00 10.59
N THR A 31 -5.32 9.52 9.45
CA THR A 31 -5.80 10.80 8.95
C THR A 31 -7.30 10.78 8.75
N LEU A 32 -7.80 9.73 8.12
CA LEU A 32 -9.23 9.59 7.86
C LEU A 32 -10.02 9.59 9.17
N GLU A 33 -9.51 8.87 10.16
CA GLU A 33 -10.18 8.80 11.46
C GLU A 33 -10.25 10.18 12.12
N GLU A 34 -9.13 10.89 12.11
CA GLU A 34 -9.07 12.22 12.70
C GLU A 34 -9.85 13.24 11.86
N GLN A 35 -10.03 12.91 10.58
CA GLN A 35 -10.75 13.79 9.67
C GLN A 35 -12.21 13.92 10.08
N GLY A 36 -12.66 13.02 10.95
CA GLY A 36 -14.03 13.05 11.41
C GLY A 36 -14.80 11.81 11.02
N MET A 37 -14.21 10.99 10.15
CA MET A 37 -14.85 9.77 9.70
C MET A 37 -14.97 8.76 10.84
N LYS A 38 -16.18 8.28 11.07
CA LYS A 38 -16.43 7.31 12.14
C LYS A 38 -17.19 6.09 11.60
N ASN A 39 -17.08 5.87 10.30
CA ASN A 39 -17.76 4.74 9.66
C ASN A 39 -16.76 3.84 8.95
N PRO A 40 -17.05 2.52 8.96
CA PRO A 40 -16.18 1.52 8.32
C PRO A 40 -16.20 1.62 6.81
N GLU A 41 -17.40 1.78 6.24
CA GLU A 41 -17.55 1.88 4.80
C GLU A 41 -16.71 3.02 4.23
N GLU A 42 -16.88 4.21 4.81
CA GLU A 42 -16.13 5.38 4.37
C GLU A 42 -14.63 5.09 4.34
N ILE A 43 -14.06 4.85 5.51
CA ILE A 43 -12.63 4.55 5.62
C ILE A 43 -12.24 3.43 4.68
N GLU A 44 -12.95 2.31 4.76
CA GLU A 44 -12.66 1.17 3.91
C GLU A 44 -12.59 1.57 2.44
N ARG A 45 -13.55 2.39 2.00
CA ARG A 45 -13.59 2.86 0.63
C ARG A 45 -12.33 3.64 0.28
N LYS A 46 -12.09 4.73 1.00
CA LYS A 46 -10.92 5.57 0.78
C LYS A 46 -9.64 4.73 0.82
N VAL A 47 -9.43 4.04 1.93
CA VAL A 47 -8.24 3.20 2.10
C VAL A 47 -8.10 2.23 0.94
N GLU A 48 -9.19 1.53 0.62
CA GLU A 48 -9.16 0.57 -0.48
C GLU A 48 -8.63 1.19 -1.75
N ILE A 49 -9.20 2.34 -2.13
CA ILE A 49 -8.76 3.04 -3.34
C ILE A 49 -7.28 3.37 -3.28
N ASN A 50 -6.84 3.89 -2.14
CA ASN A 50 -5.44 4.26 -1.97
C ASN A 50 -4.53 3.04 -2.12
N ARG A 51 -4.85 1.98 -1.38
CA ARG A 51 -4.07 0.75 -1.45
C ARG A 51 -3.94 0.25 -2.88
N LYS A 52 -5.09 0.02 -3.52
CA LYS A 52 -5.12 -0.45 -4.89
C LYS A 52 -4.25 0.42 -5.79
N ARG A 53 -4.40 1.74 -5.65
CA ARG A 53 -3.64 2.69 -6.44
C ARG A 53 -2.14 2.51 -6.21
N LEU A 54 -1.75 2.45 -4.94
CA LEU A 54 -0.35 2.28 -4.58
C LEU A 54 0.21 0.97 -5.14
N GLU A 55 -0.45 -0.13 -4.79
CA GLU A 55 -0.02 -1.45 -5.25
C GLU A 55 0.15 -1.47 -6.77
N VAL A 56 -0.92 -1.11 -7.47
CA VAL A 56 -0.89 -1.08 -8.93
C VAL A 56 0.16 -0.11 -9.45
N ASP A 57 0.42 0.94 -8.67
CA ASP A 57 1.41 1.94 -9.05
C ASP A 57 2.82 1.40 -8.88
N TYR A 58 3.00 0.49 -7.93
CA TYR A 58 4.30 -0.12 -7.67
C TYR A 58 4.45 -1.44 -8.41
N GLY A 59 3.69 -1.60 -9.49
CA GLY A 59 3.75 -2.82 -10.28
C GLY A 59 3.58 -4.06 -9.42
N LEU A 60 2.87 -3.92 -8.31
CA LEU A 60 2.62 -5.04 -7.41
C LEU A 60 1.25 -5.66 -7.64
N SER A 61 0.33 -4.84 -8.16
CA SER A 61 -1.03 -5.30 -8.43
C SER A 61 -1.31 -5.31 -9.93
N GLY A 1 18.17 -14.79 1.91
CA GLY A 1 17.44 -15.38 3.03
C GLY A 1 18.04 -16.69 3.48
N SER A 2 17.50 -17.79 2.97
CA SER A 2 17.98 -19.12 3.33
C SER A 2 19.05 -19.59 2.35
N SER A 3 18.90 -19.22 1.09
CA SER A 3 19.86 -19.60 0.06
C SER A 3 20.16 -18.43 -0.87
N GLY A 4 21.44 -18.18 -1.11
CA GLY A 4 21.83 -17.10 -1.98
C GLY A 4 22.01 -17.54 -3.43
N SER A 5 22.03 -16.57 -4.34
CA SER A 5 22.19 -16.88 -5.76
C SER A 5 22.64 -15.63 -6.54
N SER A 6 23.28 -15.85 -7.67
CA SER A 6 23.75 -14.76 -8.51
C SER A 6 22.59 -14.00 -9.14
N GLY A 7 22.73 -12.68 -9.23
CA GLY A 7 21.67 -11.86 -9.81
C GLY A 7 21.35 -10.66 -8.96
N ASN A 8 20.71 -9.66 -9.58
CA ASN A 8 20.33 -8.44 -8.87
C ASN A 8 19.37 -8.75 -7.73
N GLY A 9 18.11 -9.07 -8.09
CA GLY A 9 17.12 -9.38 -7.09
C GLY A 9 15.75 -8.83 -7.45
N MET A 10 14.75 -9.70 -7.49
CA MET A 10 13.39 -9.30 -7.82
C MET A 10 12.53 -9.20 -6.57
N ASP A 11 12.83 -10.04 -5.58
CA ASP A 11 12.08 -10.03 -4.33
C ASP A 11 12.27 -8.71 -3.58
N GLU A 12 13.51 -8.26 -3.51
CA GLU A 12 13.82 -7.01 -2.82
C GLU A 12 12.94 -5.87 -3.33
N GLU A 13 12.69 -5.87 -4.64
CA GLU A 13 11.86 -4.84 -5.25
C GLU A 13 10.45 -4.86 -4.68
N GLN A 14 9.90 -6.05 -4.51
CA GLN A 14 8.55 -6.21 -3.98
C GLN A 14 8.51 -5.81 -2.51
N ARG A 15 9.33 -6.46 -1.69
CA ARG A 15 9.38 -6.18 -0.27
C ARG A 15 9.58 -4.68 -0.02
N GLN A 16 10.55 -4.11 -0.72
CA GLN A 16 10.84 -2.68 -0.58
C GLN A 16 9.58 -1.84 -0.75
N LYS A 17 8.82 -2.14 -1.80
CA LYS A 17 7.59 -1.41 -2.09
C LYS A 17 6.53 -1.71 -1.04
N ARG A 18 6.46 -2.97 -0.60
CA ARG A 18 5.50 -3.38 0.40
C ARG A 18 5.59 -2.50 1.65
N ARG A 19 6.79 -1.99 1.92
CA ARG A 19 7.01 -1.14 3.08
C ARG A 19 6.35 0.23 2.88
N ARG A 20 6.62 0.85 1.74
CA ARG A 20 6.05 2.16 1.44
C ARG A 20 4.53 2.13 1.53
N ILE A 21 3.93 1.07 0.99
CA ILE A 21 2.48 0.91 1.01
C ILE A 21 1.96 0.79 2.44
N GLU A 22 2.69 0.04 3.26
CA GLU A 22 2.30 -0.16 4.65
C GLU A 22 2.18 1.17 5.39
N VAL A 23 3.31 1.86 5.52
CA VAL A 23 3.33 3.16 6.19
C VAL A 23 2.27 4.09 5.63
N ALA A 24 2.13 4.10 4.31
CA ALA A 24 1.16 4.94 3.63
C ALA A 24 -0.26 4.59 4.07
N LEU A 25 -0.58 3.30 4.05
CA LEU A 25 -1.91 2.83 4.44
C LEU A 25 -2.24 3.27 5.86
N ILE A 26 -1.35 2.93 6.79
CA ILE A 26 -1.56 3.28 8.20
C ILE A 26 -1.78 4.78 8.36
N GLU A 27 -0.83 5.58 7.88
CA GLU A 27 -0.94 7.03 7.97
C GLU A 27 -2.29 7.52 7.42
N TYR A 28 -2.68 6.96 6.27
CA TYR A 28 -3.93 7.34 5.63
C TYR A 28 -5.12 7.05 6.56
N ARG A 29 -5.19 5.82 7.03
CA ARG A 29 -6.28 5.42 7.92
C ARG A 29 -6.41 6.39 9.10
N GLU A 30 -5.31 6.61 9.80
CA GLU A 30 -5.30 7.51 10.95
C GLU A 30 -5.82 8.89 10.56
N THR A 31 -5.30 9.42 9.45
CA THR A 31 -5.70 10.74 8.97
C THR A 31 -7.21 10.78 8.70
N LEU A 32 -7.74 9.70 8.14
CA LEU A 32 -9.17 9.62 7.85
C LEU A 32 -9.99 9.67 9.12
N GLU A 33 -9.59 8.89 10.12
CA GLU A 33 -10.29 8.86 11.39
C GLU A 33 -10.28 10.22 12.07
N GLU A 34 -9.14 10.91 11.99
CA GLU A 34 -9.00 12.23 12.59
C GLU A 34 -9.68 13.29 11.73
N GLN A 35 -9.85 12.98 10.45
CA GLN A 35 -10.48 13.91 9.53
C GLN A 35 -11.98 14.01 9.78
N GLY A 36 -12.49 13.13 10.65
CA GLY A 36 -13.90 13.13 10.98
C GLY A 36 -14.58 11.83 10.59
N MET A 37 -13.91 11.04 9.76
CA MET A 37 -14.46 9.77 9.32
C MET A 37 -14.75 8.86 10.51
N LYS A 38 -16.04 8.62 10.76
CA LYS A 38 -16.46 7.78 11.87
C LYS A 38 -17.30 6.61 11.37
N ASN A 39 -17.00 6.14 10.17
CA ASN A 39 -17.73 5.02 9.58
C ASN A 39 -16.77 4.03 8.91
N PRO A 40 -17.14 2.74 8.92
CA PRO A 40 -16.33 1.68 8.33
C PRO A 40 -16.31 1.75 6.81
N GLU A 41 -17.50 1.89 6.21
CA GLU A 41 -17.62 1.97 4.76
C GLU A 41 -16.72 3.08 4.20
N GLU A 42 -16.84 4.27 4.76
CA GLU A 42 -16.04 5.41 4.33
C GLU A 42 -14.56 5.07 4.34
N ILE A 43 -14.04 4.83 5.55
CA ILE A 43 -12.62 4.50 5.71
C ILE A 43 -12.22 3.36 4.77
N GLU A 44 -12.93 2.25 4.85
CA GLU A 44 -12.65 1.09 4.01
C GLU A 44 -12.57 1.48 2.54
N ARG A 45 -13.50 2.35 2.12
CA ARG A 45 -13.54 2.81 0.74
C ARG A 45 -12.25 3.54 0.37
N LYS A 46 -11.98 4.64 1.08
CA LYS A 46 -10.78 5.44 0.82
C LYS A 46 -9.53 4.57 0.92
N VAL A 47 -9.36 3.91 2.06
CA VAL A 47 -8.21 3.04 2.28
C VAL A 47 -8.03 2.06 1.14
N GLU A 48 -9.11 1.35 0.81
CA GLU A 48 -9.07 0.36 -0.27
C GLU A 48 -8.52 0.98 -1.55
N ILE A 49 -9.11 2.09 -1.97
CA ILE A 49 -8.68 2.78 -3.18
C ILE A 49 -7.18 3.12 -3.12
N ASN A 50 -6.78 3.79 -2.05
CA ASN A 50 -5.39 4.17 -1.87
C ASN A 50 -4.47 2.95 -1.97
N ARG A 51 -4.94 1.82 -1.44
CA ARG A 51 -4.17 0.59 -1.48
C ARG A 51 -3.94 0.12 -2.90
N LYS A 52 -5.04 -0.10 -3.63
CA LYS A 52 -4.96 -0.54 -5.02
C LYS A 52 -4.20 0.48 -5.88
N ARG A 53 -4.21 1.73 -5.44
CA ARG A 53 -3.53 2.80 -6.17
C ARG A 53 -2.02 2.64 -6.07
N LEU A 54 -1.50 2.67 -4.84
CA LEU A 54 -0.07 2.53 -4.61
C LEU A 54 0.45 1.20 -5.16
N GLU A 55 -0.36 0.15 -5.01
CA GLU A 55 0.01 -1.17 -5.49
C GLU A 55 0.11 -1.20 -7.01
N VAL A 56 -1.00 -0.92 -7.67
CA VAL A 56 -1.03 -0.90 -9.13
C VAL A 56 -0.05 0.11 -9.69
N ASP A 57 0.27 1.13 -8.89
CA ASP A 57 1.20 2.17 -9.31
C ASP A 57 2.62 1.63 -9.37
N TYR A 58 3.14 1.21 -8.21
CA TYR A 58 4.49 0.68 -8.12
C TYR A 58 4.69 -0.46 -9.13
N GLY A 59 3.64 -1.22 -9.36
CA GLY A 59 3.72 -2.33 -10.29
C GLY A 59 3.65 -3.68 -9.59
N LEU A 60 3.13 -3.69 -8.37
CA LEU A 60 3.00 -4.92 -7.60
C LEU A 60 1.82 -5.74 -8.09
N SER A 61 0.71 -5.06 -8.39
CA SER A 61 -0.50 -5.73 -8.85
C SER A 61 -0.93 -5.18 -10.21
N GLY A 1 8.04 -21.98 -4.01
CA GLY A 1 8.80 -21.05 -4.83
C GLY A 1 9.50 -20.00 -4.01
N SER A 2 10.35 -20.44 -3.08
CA SER A 2 11.08 -19.52 -2.22
C SER A 2 12.58 -19.82 -2.27
N SER A 3 13.35 -18.84 -2.73
CA SER A 3 14.80 -19.01 -2.83
C SER A 3 15.52 -17.81 -2.20
N GLY A 4 16.85 -17.85 -2.23
CA GLY A 4 17.64 -16.77 -1.66
C GLY A 4 18.89 -16.48 -2.46
N SER A 5 19.08 -15.21 -2.80
CA SER A 5 20.24 -14.80 -3.58
C SER A 5 21.26 -14.07 -2.71
N SER A 6 22.50 -14.01 -3.17
CA SER A 6 23.56 -13.34 -2.43
C SER A 6 24.08 -12.13 -3.20
N GLY A 7 23.19 -11.49 -3.95
CA GLY A 7 23.57 -10.31 -4.72
C GLY A 7 22.44 -9.32 -4.87
N ASN A 8 21.88 -9.24 -6.07
CA ASN A 8 20.78 -8.32 -6.35
C ASN A 8 19.61 -9.05 -6.98
N GLY A 9 18.64 -8.29 -7.49
CA GLY A 9 17.48 -8.88 -8.11
C GLY A 9 16.26 -7.97 -8.05
N MET A 10 15.21 -8.35 -8.77
CA MET A 10 13.98 -7.57 -8.78
C MET A 10 13.22 -7.71 -7.47
N ASP A 11 13.22 -8.93 -6.91
CA ASP A 11 12.54 -9.19 -5.66
C ASP A 11 13.00 -8.23 -4.57
N GLU A 12 14.30 -7.94 -4.55
CA GLU A 12 14.86 -7.04 -3.56
C GLU A 12 14.14 -5.70 -3.57
N GLU A 13 13.58 -5.34 -4.72
CA GLU A 13 12.86 -4.08 -4.87
C GLU A 13 11.42 -4.21 -4.38
N GLN A 14 10.81 -5.36 -4.66
CA GLN A 14 9.44 -5.60 -4.25
C GLN A 14 9.30 -5.52 -2.73
N ARG A 15 10.26 -6.11 -2.02
CA ARG A 15 10.25 -6.10 -0.56
C ARG A 15 10.12 -4.67 -0.03
N GLN A 16 10.98 -3.79 -0.53
CA GLN A 16 10.97 -2.39 -0.10
C GLN A 16 9.62 -1.74 -0.41
N LYS A 17 9.13 -1.98 -1.61
CA LYS A 17 7.85 -1.41 -2.04
C LYS A 17 6.76 -1.71 -1.01
N ARG A 18 6.74 -2.93 -0.51
CA ARG A 18 5.76 -3.35 0.48
C ARG A 18 5.71 -2.37 1.65
N ARG A 19 6.89 -1.98 2.13
CA ARG A 19 6.99 -1.05 3.24
C ARG A 19 6.38 0.29 2.89
N ARG A 20 6.38 0.61 1.60
CA ARG A 20 5.84 1.88 1.12
C ARG A 20 4.32 1.90 1.25
N ILE A 21 3.69 0.76 0.96
CA ILE A 21 2.24 0.64 1.06
C ILE A 21 1.79 0.55 2.51
N GLU A 22 2.50 -0.25 3.30
CA GLU A 22 2.16 -0.43 4.70
C GLU A 22 2.10 0.91 5.42
N VAL A 23 3.24 1.57 5.55
CA VAL A 23 3.31 2.86 6.22
C VAL A 23 2.29 3.83 5.65
N ALA A 24 2.27 3.95 4.32
CA ALA A 24 1.34 4.84 3.65
C ALA A 24 -0.09 4.57 4.10
N LEU A 25 -0.50 3.31 4.06
CA LEU A 25 -1.84 2.92 4.46
C LEU A 25 -2.14 3.36 5.89
N ILE A 26 -1.23 3.04 6.80
CA ILE A 26 -1.39 3.41 8.20
C ILE A 26 -1.66 4.90 8.35
N GLU A 27 -0.72 5.72 7.86
CA GLU A 27 -0.87 7.16 7.93
C GLU A 27 -2.21 7.61 7.38
N TYR A 28 -2.55 7.12 6.20
CA TYR A 28 -3.82 7.47 5.57
C TYR A 28 -5.00 7.15 6.47
N ARG A 29 -5.05 5.91 6.96
CA ARG A 29 -6.13 5.49 7.85
C ARG A 29 -6.28 6.46 9.01
N GLU A 30 -5.20 6.71 9.72
CA GLU A 30 -5.22 7.62 10.86
C GLU A 30 -5.79 8.98 10.47
N THR A 31 -5.33 9.50 9.34
CA THR A 31 -5.80 10.79 8.85
C THR A 31 -7.31 10.79 8.64
N LEU A 32 -7.81 9.73 8.04
CA LEU A 32 -9.24 9.59 7.78
C LEU A 32 -10.03 9.55 9.09
N GLU A 33 -9.50 8.84 10.07
CA GLU A 33 -10.15 8.73 11.36
C GLU A 33 -10.25 10.09 12.06
N GLU A 34 -9.16 10.85 11.98
CA GLU A 34 -9.11 12.17 12.60
C GLU A 34 -9.87 13.19 11.75
N GLN A 35 -10.03 12.89 10.47
CA GLN A 35 -10.74 13.77 9.56
C GLN A 35 -12.19 13.92 9.96
N GLY A 36 -12.66 13.03 10.82
CA GLY A 36 -14.04 13.09 11.27
C GLY A 36 -14.83 11.86 10.87
N MET A 37 -14.26 11.04 9.99
CA MET A 37 -14.92 9.83 9.52
C MET A 37 -15.02 8.80 10.64
N LYS A 38 -16.26 8.46 11.00
CA LYS A 38 -16.50 7.48 12.06
C LYS A 38 -17.25 6.27 11.51
N ASN A 39 -17.18 6.07 10.20
CA ASN A 39 -17.84 4.95 9.56
C ASN A 39 -16.84 4.01 8.90
N PRO A 40 -17.15 2.70 8.92
CA PRO A 40 -16.28 1.67 8.32
C PRO A 40 -16.25 1.76 6.80
N GLU A 41 -17.43 1.83 6.20
CA GLU A 41 -17.54 1.92 4.74
C GLU A 41 -16.71 3.07 4.20
N GLU A 42 -16.84 4.23 4.84
CA GLU A 42 -16.10 5.42 4.42
C GLU A 42 -14.60 5.17 4.43
N ILE A 43 -14.05 4.91 5.61
CA ILE A 43 -12.63 4.65 5.75
C ILE A 43 -12.19 3.52 4.84
N GLU A 44 -12.83 2.37 4.97
CA GLU A 44 -12.50 1.20 4.15
C GLU A 44 -12.49 1.57 2.67
N ARG A 45 -13.48 2.35 2.25
CA ARG A 45 -13.58 2.77 0.86
C ARG A 45 -12.35 3.55 0.43
N LYS A 46 -12.08 4.66 1.11
CA LYS A 46 -10.93 5.50 0.80
C LYS A 46 -9.64 4.68 0.88
N VAL A 47 -9.41 4.07 2.04
CA VAL A 47 -8.22 3.26 2.24
C VAL A 47 -8.03 2.24 1.14
N GLU A 48 -9.09 1.46 0.87
CA GLU A 48 -9.03 0.44 -0.17
C GLU A 48 -8.57 1.04 -1.50
N ILE A 49 -9.21 2.13 -1.91
CA ILE A 49 -8.87 2.81 -3.16
C ILE A 49 -7.38 3.16 -3.20
N ASN A 50 -6.89 3.73 -2.11
CA ASN A 50 -5.49 4.12 -2.01
C ASN A 50 -4.58 2.91 -2.13
N ARG A 51 -4.96 1.82 -1.46
CA ARG A 51 -4.18 0.59 -1.49
C ARG A 51 -4.02 0.08 -2.92
N LYS A 52 -5.13 -0.12 -3.60
CA LYS A 52 -5.11 -0.60 -4.98
C LYS A 52 -4.28 0.32 -5.86
N ARG A 53 -4.57 1.62 -5.81
CA ARG A 53 -3.85 2.60 -6.60
C ARG A 53 -2.35 2.54 -6.31
N LEU A 54 -2.01 2.44 -5.03
CA LEU A 54 -0.61 2.38 -4.61
C LEU A 54 0.07 1.15 -5.20
N GLU A 55 -0.50 -0.03 -4.94
CA GLU A 55 0.06 -1.27 -5.45
C GLU A 55 0.29 -1.19 -6.96
N VAL A 56 -0.70 -0.69 -7.68
CA VAL A 56 -0.60 -0.56 -9.13
C VAL A 56 0.47 0.46 -9.52
N ASP A 57 0.63 1.49 -8.69
CA ASP A 57 1.61 2.53 -8.95
C ASP A 57 3.03 1.96 -8.87
N TYR A 58 3.35 1.33 -7.75
CA TYR A 58 4.66 0.74 -7.54
C TYR A 58 4.88 -0.45 -8.47
N GLY A 59 3.79 -1.09 -8.87
CA GLY A 59 3.87 -2.24 -9.74
C GLY A 59 3.94 -3.55 -8.98
N LEU A 60 3.12 -3.67 -7.94
CA LEU A 60 3.09 -4.88 -7.13
C LEU A 60 1.85 -5.71 -7.44
N SER A 61 0.80 -5.04 -7.91
CA SER A 61 -0.45 -5.72 -8.25
C SER A 61 -0.84 -5.44 -9.70
N GLY A 1 -10.22 -11.97 -4.25
CA GLY A 1 -9.31 -12.63 -5.17
C GLY A 1 -8.20 -11.72 -5.64
N SER A 2 -6.98 -12.25 -5.71
CA SER A 2 -5.82 -11.47 -6.14
C SER A 2 -5.07 -12.20 -7.25
N SER A 3 -4.27 -11.44 -8.00
CA SER A 3 -3.49 -12.01 -9.10
C SER A 3 -2.01 -11.67 -8.95
N GLY A 4 -1.15 -12.61 -9.32
CA GLY A 4 0.28 -12.40 -9.22
C GLY A 4 1.07 -13.68 -9.33
N SER A 5 2.39 -13.56 -9.42
CA SER A 5 3.26 -14.72 -9.54
C SER A 5 4.44 -14.63 -8.57
N SER A 6 5.31 -15.62 -8.61
CA SER A 6 6.47 -15.65 -7.73
C SER A 6 7.77 -15.69 -8.55
N GLY A 7 8.90 -15.66 -7.85
CA GLY A 7 10.18 -15.70 -8.53
C GLY A 7 11.18 -14.74 -7.91
N ASN A 8 12.46 -14.95 -8.22
CA ASN A 8 13.52 -14.09 -7.69
C ASN A 8 13.95 -13.07 -8.73
N GLY A 9 14.82 -12.14 -8.32
CA GLY A 9 15.30 -11.12 -9.23
C GLY A 9 14.65 -9.77 -8.98
N MET A 10 13.50 -9.55 -9.60
CA MET A 10 12.78 -8.29 -9.46
C MET A 10 12.08 -8.22 -8.09
N ASP A 11 11.73 -9.39 -7.56
CA ASP A 11 11.05 -9.46 -6.27
C ASP A 11 11.90 -8.78 -5.19
N GLU A 12 13.22 -8.78 -5.38
CA GLU A 12 14.12 -8.17 -4.42
C GLU A 12 13.87 -6.66 -4.32
N GLU A 13 13.34 -6.08 -5.39
CA GLU A 13 13.06 -4.66 -5.43
C GLU A 13 11.62 -4.38 -5.00
N GLN A 14 10.73 -5.32 -5.28
CA GLN A 14 9.32 -5.17 -4.92
C GLN A 14 9.14 -5.22 -3.41
N ARG A 15 9.94 -6.04 -2.75
CA ARG A 15 9.86 -6.18 -1.30
C ARG A 15 9.97 -4.82 -0.61
N GLN A 16 10.74 -3.91 -1.22
CA GLN A 16 10.92 -2.58 -0.67
C GLN A 16 9.63 -1.76 -0.76
N LYS A 17 8.94 -1.88 -1.89
CA LYS A 17 7.69 -1.16 -2.10
C LYS A 17 6.65 -1.56 -1.06
N ARG A 18 6.74 -2.80 -0.58
CA ARG A 18 5.80 -3.31 0.42
C ARG A 18 5.78 -2.40 1.64
N ARG A 19 6.92 -1.78 1.95
CA ARG A 19 7.02 -0.89 3.09
C ARG A 19 6.34 0.44 2.80
N ARG A 20 6.53 0.97 1.59
CA ARG A 20 5.94 2.23 1.19
C ARG A 20 4.42 2.16 1.28
N ILE A 21 3.87 0.98 1.07
CA ILE A 21 2.42 0.77 1.12
C ILE A 21 1.94 0.67 2.57
N GLU A 22 2.69 -0.06 3.38
CA GLU A 22 2.34 -0.23 4.80
C GLU A 22 2.21 1.11 5.50
N VAL A 23 3.34 1.81 5.62
CA VAL A 23 3.36 3.11 6.27
C VAL A 23 2.30 4.04 5.69
N ALA A 24 2.14 3.99 4.37
CA ALA A 24 1.16 4.83 3.69
C ALA A 24 -0.26 4.50 4.17
N LEU A 25 -0.61 3.22 4.10
CA LEU A 25 -1.94 2.78 4.53
C LEU A 25 -2.24 3.22 5.96
N ILE A 26 -1.34 2.88 6.87
CA ILE A 26 -1.50 3.25 8.27
C ILE A 26 -1.73 4.75 8.42
N GLU A 27 -0.77 5.54 7.95
CA GLU A 27 -0.87 7.00 8.03
C GLU A 27 -2.20 7.48 7.46
N TYR A 28 -2.57 6.95 6.30
CA TYR A 28 -3.81 7.34 5.64
C TYR A 28 -5.01 7.04 6.54
N ARG A 29 -5.10 5.81 7.02
CA ARG A 29 -6.20 5.40 7.88
C ARG A 29 -6.36 6.36 9.06
N GLU A 30 -5.25 6.64 9.73
CA GLU A 30 -5.26 7.55 10.87
C GLU A 30 -5.80 8.92 10.47
N THR A 31 -5.29 9.45 9.36
CA THR A 31 -5.71 10.75 8.87
C THR A 31 -7.21 10.79 8.63
N LEU A 32 -7.75 9.70 8.09
CA LEU A 32 -9.18 9.61 7.82
C LEU A 32 -9.98 9.59 9.11
N GLU A 33 -9.52 8.82 10.08
CA GLU A 33 -10.20 8.71 11.37
C GLU A 33 -10.27 10.08 12.05
N GLU A 34 -9.16 10.81 12.00
CA GLU A 34 -9.09 12.13 12.62
C GLU A 34 -9.79 13.18 11.75
N GLN A 35 -9.86 12.90 10.45
CA GLN A 35 -10.51 13.82 9.51
C GLN A 35 -11.99 13.97 9.83
N GLY A 36 -12.52 13.05 10.63
CA GLY A 36 -13.92 13.10 10.99
C GLY A 36 -14.69 11.90 10.50
N MET A 37 -13.97 10.87 10.06
CA MET A 37 -14.60 9.65 9.55
C MET A 37 -14.63 8.57 10.62
N LYS A 38 -15.84 8.15 10.99
CA LYS A 38 -16.01 7.12 12.00
C LYS A 38 -16.70 5.88 11.41
N ASN A 39 -17.21 6.02 10.19
CA ASN A 39 -17.89 4.93 9.52
C ASN A 39 -16.90 3.99 8.85
N PRO A 40 -17.22 2.69 8.82
CA PRO A 40 -16.36 1.68 8.20
C PRO A 40 -16.32 1.80 6.68
N GLU A 41 -17.50 1.91 6.07
CA GLU A 41 -17.60 2.03 4.62
C GLU A 41 -16.73 3.17 4.11
N GLU A 42 -16.81 4.33 4.78
CA GLU A 42 -16.04 5.50 4.39
C GLU A 42 -14.54 5.18 4.40
N ILE A 43 -14.01 4.93 5.59
CA ILE A 43 -12.59 4.61 5.74
C ILE A 43 -12.18 3.48 4.80
N GLU A 44 -12.86 2.35 4.90
CA GLU A 44 -12.56 1.19 4.07
C GLU A 44 -12.53 1.59 2.59
N ARG A 45 -13.49 2.41 2.18
CA ARG A 45 -13.57 2.87 0.79
C ARG A 45 -12.30 3.60 0.39
N LYS A 46 -12.02 4.70 1.09
CA LYS A 46 -10.83 5.50 0.81
C LYS A 46 -9.57 4.66 0.88
N VAL A 47 -9.37 4.01 2.02
CA VAL A 47 -8.20 3.16 2.23
C VAL A 47 -8.05 2.16 1.09
N GLU A 48 -9.15 1.48 0.76
CA GLU A 48 -9.14 0.49 -0.31
C GLU A 48 -8.63 1.10 -1.62
N ILE A 49 -9.19 2.25 -1.99
CA ILE A 49 -8.79 2.94 -3.21
C ILE A 49 -7.31 3.26 -3.20
N ASN A 50 -6.81 3.69 -2.04
CA ASN A 50 -5.40 4.04 -1.90
C ASN A 50 -4.52 2.81 -2.08
N ARG A 51 -4.83 1.76 -1.34
CA ARG A 51 -4.06 0.51 -1.43
C ARG A 51 -3.98 0.02 -2.87
N LYS A 52 -5.11 -0.06 -3.53
CA LYS A 52 -5.16 -0.51 -4.92
C LYS A 52 -4.31 0.39 -5.82
N ARG A 53 -4.50 1.70 -5.68
CA ARG A 53 -3.75 2.67 -6.48
C ARG A 53 -2.25 2.51 -6.24
N LEU A 54 -1.88 2.28 -4.99
CA LEU A 54 -0.47 2.12 -4.63
C LEU A 54 0.12 0.86 -5.25
N GLU A 55 -0.51 -0.28 -4.96
CA GLU A 55 -0.06 -1.56 -5.49
C GLU A 55 0.09 -1.49 -7.01
N VAL A 56 -0.89 -0.88 -7.68
CA VAL A 56 -0.85 -0.75 -9.13
C VAL A 56 0.18 0.29 -9.57
N ASP A 57 0.39 1.28 -8.71
CA ASP A 57 1.35 2.35 -9.01
C ASP A 57 2.78 1.82 -8.95
N TYR A 58 3.00 0.83 -8.09
CA TYR A 58 4.32 0.24 -7.93
C TYR A 58 4.47 -1.01 -8.79
N GLY A 59 3.66 -1.10 -9.83
CA GLY A 59 3.71 -2.24 -10.73
C GLY A 59 3.63 -3.56 -9.98
N LEU A 60 2.97 -3.55 -8.83
CA LEU A 60 2.81 -4.74 -8.01
C LEU A 60 1.52 -5.48 -8.37
N SER A 61 0.52 -4.73 -8.81
CA SER A 61 -0.76 -5.31 -9.19
C SER A 61 -1.17 -4.85 -10.58
N GLY A 1 11.29 -3.49 -29.02
CA GLY A 1 10.96 -4.62 -28.17
C GLY A 1 11.50 -4.46 -26.76
N SER A 2 12.76 -4.84 -26.56
CA SER A 2 13.39 -4.73 -25.25
C SER A 2 14.91 -4.66 -25.38
N SER A 3 15.50 -3.68 -24.70
CA SER A 3 16.95 -3.50 -24.74
C SER A 3 17.54 -3.50 -23.34
N GLY A 4 17.10 -4.44 -22.52
CA GLY A 4 17.59 -4.53 -21.15
C GLY A 4 17.52 -5.95 -20.60
N SER A 5 18.57 -6.73 -20.85
CA SER A 5 18.61 -8.11 -20.39
C SER A 5 19.16 -8.18 -18.96
N SER A 6 18.39 -7.64 -18.02
CA SER A 6 18.80 -7.64 -16.61
C SER A 6 18.84 -9.07 -16.06
N GLY A 7 19.71 -9.28 -15.08
CA GLY A 7 19.84 -10.60 -14.48
C GLY A 7 20.32 -10.53 -13.04
N ASN A 8 20.00 -9.44 -12.36
CA ASN A 8 20.42 -9.26 -10.98
C ASN A 8 19.37 -9.82 -10.02
N GLY A 9 18.22 -9.13 -9.94
CA GLY A 9 17.15 -9.58 -9.07
C GLY A 9 16.00 -8.59 -9.01
N MET A 10 14.79 -9.10 -9.18
CA MET A 10 13.60 -8.27 -9.14
C MET A 10 12.77 -8.53 -7.89
N ASP A 11 13.47 -8.75 -6.78
CA ASP A 11 12.80 -9.02 -5.51
C ASP A 11 13.14 -7.94 -4.48
N GLU A 12 14.39 -7.50 -4.49
CA GLU A 12 14.84 -6.47 -3.55
C GLU A 12 14.07 -5.17 -3.77
N GLU A 13 13.58 -4.98 -4.99
CA GLU A 13 12.81 -3.78 -5.32
C GLU A 13 11.38 -3.89 -4.83
N GLN A 14 10.79 -5.07 -4.96
CA GLN A 14 9.43 -5.30 -4.53
C GLN A 14 9.33 -5.31 -3.01
N ARG A 15 10.22 -6.06 -2.37
CA ARG A 15 10.24 -6.16 -0.91
C ARG A 15 10.26 -4.78 -0.28
N GLN A 16 10.91 -3.83 -0.94
CA GLN A 16 11.00 -2.47 -0.45
C GLN A 16 9.68 -1.72 -0.63
N LYS A 17 9.10 -1.83 -1.81
CA LYS A 17 7.84 -1.18 -2.12
C LYS A 17 6.78 -1.52 -1.06
N ARG A 18 6.85 -2.74 -0.55
CA ARG A 18 5.91 -3.19 0.47
C ARG A 18 5.85 -2.21 1.64
N ARG A 19 7.02 -1.73 2.04
CA ARG A 19 7.11 -0.78 3.15
C ARG A 19 6.46 0.55 2.79
N ARG A 20 6.41 0.85 1.49
CA ARG A 20 5.82 2.09 1.02
C ARG A 20 4.30 2.05 1.15
N ILE A 21 3.72 0.87 0.96
CA ILE A 21 2.27 0.71 1.07
C ILE A 21 1.84 0.61 2.53
N GLU A 22 2.61 -0.13 3.32
CA GLU A 22 2.31 -0.29 4.74
C GLU A 22 2.22 1.05 5.44
N VAL A 23 3.34 1.74 5.54
CA VAL A 23 3.40 3.05 6.19
C VAL A 23 2.35 3.99 5.62
N ALA A 24 2.23 4.00 4.30
CA ALA A 24 1.26 4.86 3.63
C ALA A 24 -0.16 4.57 4.11
N LEU A 25 -0.54 3.30 4.05
CA LEU A 25 -1.87 2.89 4.49
C LEU A 25 -2.15 3.34 5.92
N ILE A 26 -1.22 3.03 6.82
CA ILE A 26 -1.36 3.41 8.22
C ILE A 26 -1.63 4.91 8.36
N GLU A 27 -0.71 5.72 7.86
CA GLU A 27 -0.84 7.17 7.93
C GLU A 27 -2.20 7.60 7.37
N TYR A 28 -2.60 7.02 6.26
CA TYR A 28 -3.87 7.35 5.62
C TYR A 28 -5.03 7.04 6.55
N ARG A 29 -5.07 5.80 7.05
CA ARG A 29 -6.13 5.37 7.95
C ARG A 29 -6.29 6.35 9.10
N GLU A 30 -5.18 6.64 9.78
CA GLU A 30 -5.21 7.57 10.92
C GLU A 30 -5.77 8.92 10.51
N THR A 31 -5.25 9.45 9.40
CA THR A 31 -5.70 10.75 8.90
C THR A 31 -7.20 10.77 8.70
N LEU A 32 -7.74 9.68 8.17
CA LEU A 32 -9.18 9.56 7.93
C LEU A 32 -9.95 9.53 9.24
N GLU A 33 -9.46 8.77 10.20
CA GLU A 33 -10.10 8.65 11.50
C GLU A 33 -10.18 10.02 12.19
N GLU A 34 -9.12 10.80 12.07
CA GLU A 34 -9.07 12.12 12.68
C GLU A 34 -9.80 13.14 11.81
N GLN A 35 -9.88 12.86 10.52
CA GLN A 35 -10.55 13.76 9.58
C GLN A 35 -12.01 13.96 9.97
N GLY A 36 -12.54 13.03 10.76
CA GLY A 36 -13.92 13.12 11.19
C GLY A 36 -14.77 11.97 10.69
N MET A 37 -14.11 10.87 10.30
CA MET A 37 -14.80 9.69 9.81
C MET A 37 -14.96 8.64 10.90
N LYS A 38 -16.18 8.18 11.10
CA LYS A 38 -16.46 7.18 12.12
C LYS A 38 -17.16 5.96 11.50
N ASN A 39 -17.42 6.02 10.21
CA ASN A 39 -18.08 4.93 9.50
C ASN A 39 -17.05 4.01 8.84
N PRO A 40 -17.36 2.71 8.79
CA PRO A 40 -16.48 1.71 8.18
C PRO A 40 -16.40 1.84 6.67
N GLU A 41 -17.57 1.94 6.03
CA GLU A 41 -17.64 2.08 4.58
C GLU A 41 -16.77 3.22 4.09
N GLU A 42 -16.85 4.37 4.78
CA GLU A 42 -16.06 5.54 4.42
C GLU A 42 -14.57 5.21 4.42
N ILE A 43 -14.04 4.90 5.60
CA ILE A 43 -12.63 4.56 5.73
C ILE A 43 -12.23 3.44 4.78
N GLU A 44 -12.93 2.31 4.88
CA GLU A 44 -12.65 1.16 4.03
C GLU A 44 -12.61 1.57 2.55
N ARG A 45 -13.53 2.46 2.17
CA ARG A 45 -13.59 2.93 0.78
C ARG A 45 -12.32 3.66 0.40
N LYS A 46 -12.03 4.75 1.12
CA LYS A 46 -10.84 5.55 0.85
C LYS A 46 -9.59 4.68 0.91
N VAL A 47 -9.43 3.95 2.00
CA VAL A 47 -8.27 3.08 2.18
C VAL A 47 -8.15 2.09 1.02
N GLU A 48 -9.26 1.46 0.66
CA GLU A 48 -9.27 0.50 -0.43
C GLU A 48 -8.74 1.11 -1.72
N ILE A 49 -9.26 2.28 -2.08
CA ILE A 49 -8.83 2.97 -3.29
C ILE A 49 -7.33 3.25 -3.25
N ASN A 50 -6.88 3.81 -2.13
CA ASN A 50 -5.46 4.13 -1.98
C ASN A 50 -4.60 2.87 -2.06
N ARG A 51 -5.06 1.81 -1.41
CA ARG A 51 -4.34 0.54 -1.41
C ARG A 51 -4.12 0.03 -2.83
N LYS A 52 -5.22 -0.18 -3.55
CA LYS A 52 -5.16 -0.66 -4.92
C LYS A 52 -4.26 0.23 -5.77
N ARG A 53 -4.55 1.53 -5.75
CA ARG A 53 -3.77 2.50 -6.52
C ARG A 53 -2.28 2.37 -6.21
N LEU A 54 -1.97 2.19 -4.93
CA LEU A 54 -0.58 2.05 -4.50
C LEU A 54 0.06 0.82 -5.11
N GLU A 55 -0.57 -0.33 -4.94
CA GLU A 55 -0.06 -1.58 -5.49
C GLU A 55 0.24 -1.45 -6.97
N VAL A 56 -0.74 -0.93 -7.72
CA VAL A 56 -0.59 -0.74 -9.16
C VAL A 56 0.46 0.33 -9.47
N ASP A 57 0.60 1.28 -8.55
CA ASP A 57 1.57 2.37 -8.72
C ASP A 57 2.99 1.87 -8.52
N TYR A 58 3.14 0.86 -7.67
CA TYR A 58 4.46 0.29 -7.40
C TYR A 58 4.72 -0.94 -8.26
N GLY A 59 4.04 -1.00 -9.42
CA GLY A 59 4.22 -2.11 -10.32
C GLY A 59 4.03 -3.46 -9.63
N LEU A 60 3.22 -3.46 -8.57
CA LEU A 60 2.95 -4.68 -7.82
C LEU A 60 1.66 -5.35 -8.29
N SER A 61 0.70 -4.53 -8.70
CA SER A 61 -0.58 -5.03 -9.17
C SER A 61 -0.85 -4.57 -10.61
N GLY A 1 32.71 -10.83 0.15
CA GLY A 1 32.61 -10.58 -1.27
C GLY A 1 31.48 -9.62 -1.61
N SER A 2 31.44 -9.18 -2.86
CA SER A 2 30.41 -8.24 -3.32
C SER A 2 29.08 -8.96 -3.52
N SER A 3 29.15 -10.22 -3.95
CA SER A 3 27.95 -11.02 -4.19
C SER A 3 27.22 -11.29 -2.89
N GLY A 4 25.94 -11.66 -3.00
CA GLY A 4 25.15 -11.94 -1.81
C GLY A 4 23.66 -11.91 -2.10
N SER A 5 23.13 -13.00 -2.65
CA SER A 5 21.72 -13.09 -2.97
C SER A 5 21.34 -12.04 -4.02
N SER A 6 22.30 -11.64 -4.83
CA SER A 6 22.07 -10.64 -5.87
C SER A 6 21.90 -11.30 -7.23
N GLY A 7 21.27 -10.59 -8.16
CA GLY A 7 21.05 -11.12 -9.49
C GLY A 7 19.68 -11.75 -9.64
N ASN A 8 18.75 -11.35 -8.79
CA ASN A 8 17.40 -11.88 -8.83
C ASN A 8 16.53 -11.11 -9.83
N GLY A 9 16.82 -9.82 -9.96
CA GLY A 9 16.07 -8.98 -10.88
C GLY A 9 15.21 -7.96 -10.17
N MET A 10 13.92 -7.93 -10.50
CA MET A 10 12.99 -7.00 -9.89
C MET A 10 12.36 -7.60 -8.63
N ASP A 11 13.21 -8.08 -7.72
CA ASP A 11 12.73 -8.68 -6.48
C ASP A 11 12.98 -7.75 -5.30
N GLU A 12 14.25 -7.44 -5.04
CA GLU A 12 14.61 -6.56 -3.93
C GLU A 12 13.84 -5.23 -4.02
N GLU A 13 13.63 -4.77 -5.25
CA GLU A 13 12.92 -3.51 -5.47
C GLU A 13 11.48 -3.62 -4.98
N GLN A 14 10.87 -4.77 -5.19
CA GLN A 14 9.49 -5.00 -4.78
C GLN A 14 9.36 -4.92 -3.27
N ARG A 15 10.25 -5.61 -2.56
CA ARG A 15 10.24 -5.62 -1.10
C ARG A 15 10.20 -4.20 -0.55
N GLN A 16 10.95 -3.30 -1.19
CA GLN A 16 11.01 -1.91 -0.76
C GLN A 16 9.65 -1.24 -0.90
N LYS A 17 9.00 -1.46 -2.04
CA LYS A 17 7.69 -0.88 -2.30
C LYS A 17 6.65 -1.43 -1.33
N ARG A 18 6.76 -2.70 -1.00
CA ARG A 18 5.83 -3.34 -0.07
C ARG A 18 5.75 -2.56 1.23
N ARG A 19 6.88 -2.02 1.67
CA ARG A 19 6.94 -1.26 2.91
C ARG A 19 6.27 0.10 2.75
N ARG A 20 6.47 0.71 1.58
CA ARG A 20 5.89 2.02 1.29
C ARG A 20 4.37 1.97 1.40
N ILE A 21 3.79 0.85 0.99
CA ILE A 21 2.34 0.67 1.04
C ILE A 21 1.85 0.60 2.49
N GLU A 22 2.48 -0.25 3.28
CA GLU A 22 2.10 -0.42 4.68
C GLU A 22 2.08 0.93 5.39
N VAL A 23 3.22 1.61 5.43
CA VAL A 23 3.33 2.91 6.08
C VAL A 23 2.25 3.85 5.58
N ALA A 24 2.17 4.03 4.27
CA ALA A 24 1.19 4.92 3.66
C ALA A 24 -0.23 4.57 4.15
N LEU A 25 -0.57 3.30 4.09
CA LEU A 25 -1.89 2.84 4.53
C LEU A 25 -2.17 3.30 5.96
N ILE A 26 -1.25 3.01 6.86
CA ILE A 26 -1.40 3.39 8.26
C ILE A 26 -1.66 4.89 8.39
N GLU A 27 -0.72 5.69 7.91
CA GLU A 27 -0.84 7.14 7.98
C GLU A 27 -2.18 7.60 7.41
N TYR A 28 -2.53 7.06 6.25
CA TYR A 28 -3.78 7.43 5.59
C TYR A 28 -4.98 7.10 6.48
N ARG A 29 -5.01 5.86 6.98
CA ARG A 29 -6.10 5.42 7.84
C ARG A 29 -6.31 6.40 9.00
N GLU A 30 -5.23 6.68 9.72
CA GLU A 30 -5.29 7.59 10.86
C GLU A 30 -5.83 8.95 10.44
N THR A 31 -5.31 9.47 9.33
CA THR A 31 -5.75 10.77 8.81
C THR A 31 -7.26 10.79 8.59
N LEU A 32 -7.77 9.71 8.02
CA LEU A 32 -9.21 9.61 7.75
C LEU A 32 -10.01 9.56 9.05
N GLU A 33 -9.51 8.81 10.02
CA GLU A 33 -10.18 8.68 11.32
C GLU A 33 -10.29 10.04 12.00
N GLU A 34 -9.22 10.83 11.92
CA GLU A 34 -9.21 12.15 12.53
C GLU A 34 -9.92 13.17 11.64
N GLN A 35 -9.98 12.87 10.34
CA GLN A 35 -10.63 13.77 9.39
C GLN A 35 -12.11 13.94 9.71
N GLY A 36 -12.64 13.03 10.53
CA GLY A 36 -14.03 13.10 10.91
C GLY A 36 -14.83 11.90 10.43
N MET A 37 -14.12 10.84 10.04
CA MET A 37 -14.76 9.63 9.56
C MET A 37 -14.81 8.56 10.66
N LYS A 38 -16.01 8.14 11.02
CA LYS A 38 -16.20 7.12 12.06
C LYS A 38 -16.85 5.87 11.48
N ASN A 39 -17.34 5.98 10.25
CA ASN A 39 -18.01 4.86 9.59
C ASN A 39 -16.98 3.94 8.93
N PRO A 40 -17.27 2.63 8.93
CA PRO A 40 -16.39 1.62 8.34
C PRO A 40 -16.35 1.71 6.81
N GLU A 41 -17.53 1.86 6.20
CA GLU A 41 -17.62 1.95 4.75
C GLU A 41 -16.76 3.09 4.22
N GLU A 42 -16.92 4.28 4.81
CA GLU A 42 -16.15 5.45 4.39
C GLU A 42 -14.65 5.14 4.41
N ILE A 43 -14.11 4.88 5.58
CA ILE A 43 -12.69 4.58 5.72
C ILE A 43 -12.28 3.44 4.79
N GLU A 44 -13.01 2.33 4.87
CA GLU A 44 -12.72 1.17 4.03
C GLU A 44 -12.61 1.57 2.57
N ARG A 45 -13.56 2.37 2.09
CA ARG A 45 -13.57 2.83 0.71
C ARG A 45 -12.29 3.60 0.39
N LYS A 46 -12.07 4.70 1.11
CA LYS A 46 -10.89 5.53 0.91
C LYS A 46 -9.63 4.69 0.98
N VAL A 47 -9.42 4.04 2.12
CA VAL A 47 -8.23 3.20 2.32
C VAL A 47 -8.07 2.21 1.18
N GLU A 48 -9.15 1.52 0.83
CA GLU A 48 -9.11 0.53 -0.25
C GLU A 48 -8.54 1.15 -1.52
N ILE A 49 -9.10 2.27 -1.94
CA ILE A 49 -8.64 2.96 -3.14
C ILE A 49 -7.15 3.27 -3.05
N ASN A 50 -6.74 3.88 -1.94
CA ASN A 50 -5.34 4.24 -1.74
C ASN A 50 -4.45 3.01 -1.85
N ARG A 51 -4.93 1.88 -1.36
CA ARG A 51 -4.17 0.63 -1.40
C ARG A 51 -3.98 0.17 -2.84
N LYS A 52 -5.08 -0.09 -3.54
CA LYS A 52 -5.03 -0.53 -4.92
C LYS A 52 -4.21 0.43 -5.77
N ARG A 53 -4.29 1.71 -5.44
CA ARG A 53 -3.55 2.74 -6.19
C ARG A 53 -2.05 2.56 -6.01
N LEU A 54 -1.61 2.56 -4.75
CA LEU A 54 -0.19 2.40 -4.44
C LEU A 54 0.35 1.08 -4.98
N GLU A 55 -0.40 0.01 -4.74
CA GLU A 55 -0.01 -1.32 -5.21
C GLU A 55 0.20 -1.33 -6.72
N VAL A 56 -0.86 -0.99 -7.46
CA VAL A 56 -0.80 -0.96 -8.90
C VAL A 56 0.23 0.07 -9.39
N ASP A 57 0.49 1.07 -8.57
CA ASP A 57 1.44 2.12 -8.90
C ASP A 57 2.87 1.59 -8.82
N TYR A 58 3.12 0.72 -7.85
CA TYR A 58 4.44 0.15 -7.66
C TYR A 58 4.56 -1.20 -8.35
N GLY A 59 3.69 -1.44 -9.33
CA GLY A 59 3.71 -2.70 -10.05
C GLY A 59 3.65 -3.90 -9.13
N LEU A 60 2.79 -3.83 -8.12
CA LEU A 60 2.64 -4.91 -7.16
C LEU A 60 1.24 -5.51 -7.22
N SER A 61 0.56 -5.28 -8.34
CA SER A 61 -0.81 -5.79 -8.52
C SER A 61 -1.23 -5.68 -9.98
N GLY A 1 25.36 -8.70 5.43
CA GLY A 1 25.13 -10.03 5.96
C GLY A 1 26.39 -10.87 5.95
N SER A 2 26.90 -11.19 7.14
CA SER A 2 28.11 -12.00 7.26
C SER A 2 27.87 -13.43 6.79
N SER A 3 26.70 -13.97 7.12
CA SER A 3 26.33 -15.33 6.74
C SER A 3 25.04 -15.34 5.94
N GLY A 4 25.01 -16.16 4.90
CA GLY A 4 23.81 -16.26 4.07
C GLY A 4 23.69 -15.10 3.10
N SER A 5 22.99 -15.32 1.99
CA SER A 5 22.81 -14.28 0.98
C SER A 5 21.43 -13.64 1.10
N SER A 6 21.31 -12.40 0.65
CA SER A 6 20.05 -11.68 0.71
C SER A 6 19.68 -11.12 -0.65
N GLY A 7 18.49 -11.47 -1.13
CA GLY A 7 18.04 -10.98 -2.42
C GLY A 7 18.61 -11.78 -3.58
N ASN A 8 17.83 -12.75 -4.06
CA ASN A 8 18.26 -13.60 -5.17
C ASN A 8 17.76 -13.04 -6.50
N GLY A 9 16.45 -12.89 -6.61
CA GLY A 9 15.87 -12.37 -7.84
C GLY A 9 15.28 -10.98 -7.66
N MET A 10 13.97 -10.89 -7.72
CA MET A 10 13.28 -9.61 -7.56
C MET A 10 12.39 -9.61 -6.32
N ASP A 11 12.83 -10.33 -5.29
CA ASP A 11 12.07 -10.42 -4.05
C ASP A 11 12.29 -9.17 -3.19
N GLU A 12 13.56 -8.82 -3.00
CA GLU A 12 13.90 -7.65 -2.19
C GLU A 12 13.32 -6.38 -2.79
N GLU A 13 13.30 -6.31 -4.12
CA GLU A 13 12.77 -5.15 -4.82
C GLU A 13 11.30 -4.92 -4.45
N GLN A 14 10.57 -6.00 -4.22
CA GLN A 14 9.16 -5.91 -3.87
C GLN A 14 9.00 -5.38 -2.44
N ARG A 15 9.78 -5.93 -1.52
CA ARG A 15 9.71 -5.52 -0.12
C ARG A 15 9.86 -4.01 0.00
N GLN A 16 10.89 -3.47 -0.64
CA GLN A 16 11.15 -2.03 -0.59
C GLN A 16 9.90 -1.25 -0.99
N LYS A 17 9.17 -1.74 -1.98
CA LYS A 17 7.95 -1.10 -2.44
C LYS A 17 6.79 -1.39 -1.50
N ARG A 18 6.86 -2.51 -0.81
CA ARG A 18 5.82 -2.91 0.12
C ARG A 18 5.78 -1.98 1.33
N ARG A 19 6.96 -1.60 1.82
CA ARG A 19 7.06 -0.72 2.97
C ARG A 19 6.33 0.59 2.71
N ARG A 20 6.39 1.07 1.47
CA ARG A 20 5.74 2.32 1.10
C ARG A 20 4.22 2.20 1.23
N ILE A 21 3.70 1.00 0.96
CA ILE A 21 2.27 0.75 1.05
C ILE A 21 1.82 0.62 2.50
N GLU A 22 2.59 -0.12 3.29
CA GLU A 22 2.27 -0.32 4.70
C GLU A 22 2.20 1.01 5.44
N VAL A 23 3.32 1.71 5.51
CA VAL A 23 3.39 3.00 6.18
C VAL A 23 2.30 3.93 5.67
N ALA A 24 2.11 3.97 4.35
CA ALA A 24 1.11 4.82 3.73
C ALA A 24 -0.29 4.45 4.23
N LEU A 25 -0.62 3.16 4.17
CA LEU A 25 -1.93 2.68 4.62
C LEU A 25 -2.21 3.12 6.06
N ILE A 26 -1.23 2.90 6.93
CA ILE A 26 -1.38 3.27 8.33
C ILE A 26 -1.64 4.77 8.48
N GLU A 27 -0.70 5.59 8.02
CA GLU A 27 -0.82 7.03 8.10
C GLU A 27 -2.15 7.49 7.50
N TYR A 28 -2.50 6.93 6.35
CA TYR A 28 -3.74 7.28 5.67
C TYR A 28 -4.96 6.99 6.55
N ARG A 29 -5.03 5.75 7.02
CA ARG A 29 -6.14 5.33 7.88
C ARG A 29 -6.32 6.29 9.04
N GLU A 30 -5.24 6.57 9.76
CA GLU A 30 -5.27 7.48 10.90
C GLU A 30 -5.80 8.84 10.48
N THR A 31 -5.28 9.36 9.36
CA THR A 31 -5.69 10.66 8.86
C THR A 31 -7.19 10.70 8.59
N LEU A 32 -7.72 9.61 8.04
CA LEU A 32 -9.14 9.53 7.73
C LEU A 32 -9.98 9.51 9.02
N GLU A 33 -9.51 8.74 10.01
CA GLU A 33 -10.21 8.65 11.28
C GLU A 33 -10.28 10.00 11.97
N GLU A 34 -9.17 10.74 11.91
CA GLU A 34 -9.11 12.06 12.54
C GLU A 34 -9.78 13.11 11.66
N GLN A 35 -9.86 12.84 10.37
CA GLN A 35 -10.48 13.76 9.42
C GLN A 35 -11.94 14.00 9.78
N GLY A 36 -12.51 13.09 10.57
CA GLY A 36 -13.90 13.23 10.97
C GLY A 36 -14.76 12.09 10.46
N MET A 37 -14.11 11.00 10.07
CA MET A 37 -14.83 9.83 9.55
C MET A 37 -15.01 8.78 10.66
N LYS A 38 -16.26 8.52 11.02
CA LYS A 38 -16.56 7.54 12.05
C LYS A 38 -17.35 6.37 11.48
N ASN A 39 -17.25 6.18 10.17
CA ASN A 39 -17.96 5.09 9.50
C ASN A 39 -16.98 4.13 8.84
N PRO A 40 -17.33 2.84 8.83
CA PRO A 40 -16.49 1.79 8.23
C PRO A 40 -16.45 1.89 6.71
N GLU A 41 -17.62 2.09 6.10
CA GLU A 41 -17.71 2.20 4.65
C GLU A 41 -16.78 3.30 4.13
N GLU A 42 -16.91 4.49 4.69
CA GLU A 42 -16.09 5.63 4.27
C GLU A 42 -14.61 5.26 4.30
N ILE A 43 -14.09 5.01 5.50
CA ILE A 43 -12.70 4.65 5.67
C ILE A 43 -12.31 3.49 4.74
N GLU A 44 -13.09 2.41 4.79
CA GLU A 44 -12.84 1.25 3.96
C GLU A 44 -12.67 1.65 2.50
N ARG A 45 -13.58 2.48 2.01
CA ARG A 45 -13.54 2.95 0.63
C ARG A 45 -12.24 3.67 0.34
N LYS A 46 -12.00 4.77 1.05
CA LYS A 46 -10.79 5.55 0.88
C LYS A 46 -9.55 4.68 0.97
N VAL A 47 -9.38 4.01 2.12
CA VAL A 47 -8.24 3.14 2.34
C VAL A 47 -8.09 2.13 1.19
N GLU A 48 -9.19 1.50 0.82
CA GLU A 48 -9.18 0.53 -0.26
C GLU A 48 -8.55 1.11 -1.52
N ILE A 49 -9.02 2.29 -1.92
CA ILE A 49 -8.51 2.95 -3.11
C ILE A 49 -7.01 3.21 -2.99
N ASN A 50 -6.60 3.77 -1.86
CA ASN A 50 -5.19 4.07 -1.62
C ASN A 50 -4.34 2.81 -1.74
N ARG A 51 -4.88 1.68 -1.28
CA ARG A 51 -4.18 0.41 -1.34
C ARG A 51 -4.02 -0.06 -2.78
N LYS A 52 -5.15 -0.37 -3.43
CA LYS A 52 -5.14 -0.83 -4.81
C LYS A 52 -4.35 0.13 -5.69
N ARG A 53 -4.56 1.42 -5.49
CA ARG A 53 -3.87 2.43 -6.28
C ARG A 53 -2.35 2.34 -6.07
N LEU A 54 -1.93 2.33 -4.81
CA LEU A 54 -0.52 2.25 -4.48
C LEU A 54 0.11 1.00 -5.09
N GLU A 55 -0.49 -0.15 -4.81
CA GLU A 55 0.00 -1.42 -5.34
C GLU A 55 0.19 -1.35 -6.85
N VAL A 56 -0.85 -0.93 -7.56
CA VAL A 56 -0.80 -0.81 -9.00
C VAL A 56 0.25 0.20 -9.44
N ASP A 57 0.48 1.21 -8.60
CA ASP A 57 1.45 2.25 -8.90
C ASP A 57 2.87 1.69 -8.83
N TYR A 58 3.10 0.80 -7.87
CA TYR A 58 4.42 0.19 -7.70
C TYR A 58 4.51 -1.13 -8.43
N GLY A 59 3.63 -1.32 -9.40
CA GLY A 59 3.62 -2.55 -10.18
C GLY A 59 3.59 -3.79 -9.30
N LEU A 60 3.01 -3.65 -8.11
CA LEU A 60 2.92 -4.77 -7.17
C LEU A 60 1.57 -5.45 -7.28
N SER A 61 0.88 -5.24 -8.39
CA SER A 61 -0.43 -5.84 -8.62
C SER A 61 -0.78 -5.84 -10.10
N GLY A 1 29.89 5.82 3.43
CA GLY A 1 29.06 4.96 2.61
C GLY A 1 28.46 3.80 3.40
N SER A 2 29.00 2.61 3.20
CA SER A 2 28.51 1.42 3.89
C SER A 2 26.99 1.36 3.85
N SER A 3 26.41 1.77 2.73
CA SER A 3 24.97 1.77 2.56
C SER A 3 24.47 0.37 2.19
N GLY A 4 25.09 -0.21 1.16
CA GLY A 4 24.69 -1.54 0.73
C GLY A 4 23.76 -1.50 -0.47
N SER A 5 24.32 -1.66 -1.66
CA SER A 5 23.52 -1.64 -2.88
C SER A 5 23.58 -2.99 -3.59
N SER A 6 22.57 -3.82 -3.35
CA SER A 6 22.50 -5.14 -3.95
C SER A 6 21.14 -5.38 -4.59
N GLY A 7 21.14 -5.78 -5.86
CA GLY A 7 19.90 -6.04 -6.56
C GLY A 7 20.12 -6.67 -7.91
N ASN A 8 19.98 -8.00 -7.98
CA ASN A 8 20.17 -8.73 -9.23
C ASN A 8 18.83 -9.18 -9.80
N GLY A 9 17.87 -9.45 -8.92
CA GLY A 9 16.56 -9.87 -9.36
C GLY A 9 15.57 -8.73 -9.45
N MET A 10 14.32 -9.04 -9.76
CA MET A 10 13.28 -8.03 -9.88
C MET A 10 12.33 -8.08 -8.67
N ASP A 11 12.02 -9.28 -8.22
CA ASP A 11 11.13 -9.45 -7.08
C ASP A 11 11.78 -8.93 -5.80
N GLU A 12 13.11 -8.99 -5.74
CA GLU A 12 13.84 -8.52 -4.58
C GLU A 12 13.50 -7.07 -4.27
N GLU A 13 13.13 -6.32 -5.30
CA GLU A 13 12.79 -4.92 -5.14
C GLU A 13 11.37 -4.76 -4.60
N GLN A 14 10.48 -5.67 -4.99
CA GLN A 14 9.10 -5.64 -4.55
C GLN A 14 9.02 -5.75 -3.02
N ARG A 15 9.98 -6.45 -2.43
CA ARG A 15 10.01 -6.63 -0.98
C ARG A 15 9.98 -5.28 -0.27
N GLN A 16 10.84 -4.37 -0.71
CA GLN A 16 10.91 -3.04 -0.11
C GLN A 16 9.64 -2.24 -0.40
N LYS A 17 9.12 -2.38 -1.62
CA LYS A 17 7.92 -1.67 -2.02
C LYS A 17 6.80 -1.90 -1.01
N ARG A 18 6.70 -3.13 -0.51
CA ARG A 18 5.68 -3.48 0.46
C ARG A 18 5.66 -2.50 1.62
N ARG A 19 6.85 -2.20 2.15
CA ARG A 19 6.98 -1.28 3.27
C ARG A 19 6.48 0.12 2.89
N ARG A 20 6.55 0.42 1.60
CA ARG A 20 6.11 1.72 1.10
C ARG A 20 4.60 1.84 1.15
N ILE A 21 3.90 0.72 0.93
CA ILE A 21 2.45 0.71 0.95
C ILE A 21 1.92 0.66 2.39
N GLU A 22 2.54 -0.20 3.20
CA GLU A 22 2.14 -0.34 4.59
C GLU A 22 2.08 1.01 5.29
N VAL A 23 3.23 1.68 5.37
CA VAL A 23 3.32 2.99 6.01
C VAL A 23 2.27 3.94 5.46
N ALA A 24 2.19 4.03 4.13
CA ALA A 24 1.23 4.91 3.47
C ALA A 24 -0.18 4.64 3.97
N LEU A 25 -0.58 3.36 3.95
CA LEU A 25 -1.91 2.97 4.39
C LEU A 25 -2.17 3.45 5.83
N ILE A 26 -1.23 3.13 6.72
CA ILE A 26 -1.36 3.52 8.12
C ILE A 26 -1.63 5.01 8.25
N GLU A 27 -0.73 5.83 7.69
CA GLU A 27 -0.87 7.27 7.75
C GLU A 27 -2.25 7.70 7.25
N TYR A 28 -2.67 7.14 6.12
CA TYR A 28 -3.97 7.47 5.54
C TYR A 28 -5.10 7.14 6.51
N ARG A 29 -5.08 5.91 7.03
CA ARG A 29 -6.11 5.46 7.97
C ARG A 29 -6.25 6.46 9.12
N GLU A 30 -5.14 6.77 9.77
CA GLU A 30 -5.16 7.70 10.89
C GLU A 30 -5.76 9.04 10.47
N THR A 31 -5.25 9.61 9.39
CA THR A 31 -5.74 10.89 8.88
C THR A 31 -7.25 10.84 8.65
N LEU A 32 -7.75 9.71 8.18
CA LEU A 32 -9.17 9.54 7.93
C LEU A 32 -9.97 9.58 9.22
N GLU A 33 -9.51 8.82 10.22
CA GLU A 33 -10.18 8.76 11.51
C GLU A 33 -10.23 10.14 12.15
N GLU A 34 -9.15 10.90 12.00
CA GLU A 34 -9.07 12.25 12.56
C GLU A 34 -9.82 13.25 11.69
N GLN A 35 -9.95 12.92 10.41
CA GLN A 35 -10.64 13.80 9.46
C GLN A 35 -12.14 13.82 9.73
N GLY A 36 -12.59 12.92 10.60
CA GLY A 36 -14.00 12.84 10.93
C GLY A 36 -14.63 11.51 10.53
N MET A 37 -13.84 10.67 9.88
CA MET A 37 -14.32 9.36 9.44
C MET A 37 -14.57 8.45 10.63
N LYS A 38 -15.83 8.12 10.87
CA LYS A 38 -16.21 7.26 11.98
C LYS A 38 -16.91 6.00 11.48
N ASN A 39 -17.26 5.99 10.19
CA ASN A 39 -17.93 4.86 9.59
C ASN A 39 -16.92 3.91 8.93
N PRO A 40 -17.23 2.60 8.95
CA PRO A 40 -16.37 1.58 8.36
C PRO A 40 -16.34 1.64 6.84
N GLU A 41 -17.53 1.72 6.23
CA GLU A 41 -17.63 1.79 4.78
C GLU A 41 -16.79 2.94 4.22
N GLU A 42 -16.94 4.12 4.82
CA GLU A 42 -16.20 5.29 4.38
C GLU A 42 -14.69 5.02 4.40
N ILE A 43 -14.15 4.77 5.57
CA ILE A 43 -12.73 4.48 5.71
C ILE A 43 -12.30 3.35 4.78
N GLU A 44 -12.95 2.21 4.90
CA GLU A 44 -12.63 1.06 4.07
C GLU A 44 -12.63 1.43 2.59
N ARG A 45 -13.53 2.34 2.21
CA ARG A 45 -13.62 2.78 0.83
C ARG A 45 -12.37 3.55 0.42
N LYS A 46 -12.12 4.66 1.11
CA LYS A 46 -10.96 5.49 0.83
C LYS A 46 -9.67 4.68 0.91
N VAL A 47 -9.50 3.98 2.02
CA VAL A 47 -8.31 3.15 2.23
C VAL A 47 -8.12 2.15 1.08
N GLU A 48 -9.18 1.42 0.77
CA GLU A 48 -9.13 0.44 -0.30
C GLU A 48 -8.63 1.06 -1.60
N ILE A 49 -9.28 2.15 -2.01
CA ILE A 49 -8.89 2.85 -3.23
C ILE A 49 -7.40 3.21 -3.21
N ASN A 50 -6.95 3.77 -2.10
CA ASN A 50 -5.56 4.17 -1.95
C ASN A 50 -4.64 2.96 -2.07
N ARG A 51 -4.95 1.91 -1.32
CA ARG A 51 -4.15 0.68 -1.35
C ARG A 51 -3.95 0.19 -2.77
N LYS A 52 -5.05 0.03 -3.51
CA LYS A 52 -5.00 -0.43 -4.88
C LYS A 52 -4.19 0.53 -5.75
N ARG A 53 -4.38 1.83 -5.52
CA ARG A 53 -3.67 2.85 -6.29
C ARG A 53 -2.16 2.67 -6.13
N LEU A 54 -1.70 2.61 -4.90
CA LEU A 54 -0.27 2.45 -4.61
C LEU A 54 0.25 1.13 -5.16
N GLU A 55 -0.47 0.05 -4.86
CA GLU A 55 -0.08 -1.28 -5.34
C GLU A 55 0.15 -1.28 -6.84
N VAL A 56 -0.75 -0.62 -7.57
CA VAL A 56 -0.64 -0.55 -9.03
C VAL A 56 0.39 0.50 -9.45
N ASP A 57 0.61 1.48 -8.58
CA ASP A 57 1.57 2.54 -8.86
C ASP A 57 3.00 2.00 -8.85
N TYR A 58 3.40 1.42 -7.72
CA TYR A 58 4.74 0.86 -7.58
C TYR A 58 5.00 -0.22 -8.62
N GLY A 59 3.92 -0.87 -9.07
CA GLY A 59 4.05 -1.92 -10.07
C GLY A 59 4.02 -3.30 -9.46
N LEU A 60 3.10 -3.52 -8.53
CA LEU A 60 2.96 -4.81 -7.87
C LEU A 60 1.73 -5.55 -8.37
N SER A 61 0.65 -4.82 -8.58
CA SER A 61 -0.60 -5.41 -9.06
C SER A 61 -0.68 -5.32 -10.58
N GLY A 1 -3.51 -27.15 -3.09
CA GLY A 1 -2.61 -27.50 -4.19
C GLY A 1 -1.20 -26.97 -3.97
N SER A 2 -0.22 -27.68 -4.53
CA SER A 2 1.18 -27.28 -4.40
C SER A 2 1.42 -25.94 -5.08
N SER A 3 1.80 -24.93 -4.29
CA SER A 3 2.06 -23.61 -4.81
C SER A 3 3.53 -23.23 -4.61
N GLY A 4 4.23 -23.00 -5.72
CA GLY A 4 5.64 -22.64 -5.64
C GLY A 4 5.84 -21.13 -5.57
N SER A 5 6.57 -20.68 -4.56
CA SER A 5 6.84 -19.25 -4.39
C SER A 5 8.31 -18.95 -4.63
N SER A 6 8.59 -17.71 -5.04
CA SER A 6 9.96 -17.29 -5.31
C SER A 6 10.34 -16.08 -4.46
N GLY A 7 11.59 -15.66 -4.57
CA GLY A 7 12.05 -14.51 -3.80
C GLY A 7 13.48 -14.13 -4.14
N ASN A 8 13.68 -13.66 -5.37
CA ASN A 8 15.01 -13.26 -5.82
C ASN A 8 14.93 -12.53 -7.17
N GLY A 9 15.98 -11.79 -7.48
CA GLY A 9 16.01 -11.06 -8.75
C GLY A 9 15.14 -9.81 -8.71
N MET A 10 13.95 -9.91 -9.30
CA MET A 10 13.03 -8.78 -9.34
C MET A 10 12.01 -8.87 -8.19
N ASP A 11 11.77 -10.08 -7.73
CA ASP A 11 10.82 -10.31 -6.64
C ASP A 11 11.14 -9.41 -5.45
N GLU A 12 12.44 -9.30 -5.13
CA GLU A 12 12.88 -8.48 -4.02
C GLU A 12 12.37 -7.05 -4.16
N GLU A 13 12.23 -6.60 -5.40
CA GLU A 13 11.75 -5.24 -5.67
C GLU A 13 10.30 -5.08 -5.25
N GLN A 14 9.57 -6.19 -5.22
CA GLN A 14 8.16 -6.18 -4.84
C GLN A 14 8.02 -6.17 -3.32
N ARG A 15 8.61 -7.16 -2.67
CA ARG A 15 8.54 -7.27 -1.22
C ARG A 15 8.96 -5.96 -0.56
N GLN A 16 9.90 -5.27 -1.19
CA GLN A 16 10.39 -3.99 -0.65
C GLN A 16 9.36 -2.89 -0.85
N LYS A 17 8.76 -2.85 -2.04
CA LYS A 17 7.76 -1.84 -2.36
C LYS A 17 6.54 -1.98 -1.47
N ARG A 18 6.30 -3.19 -0.98
CA ARG A 18 5.16 -3.46 -0.10
C ARG A 18 5.24 -2.61 1.16
N ARG A 19 6.44 -2.47 1.71
CA ARG A 19 6.64 -1.68 2.92
C ARG A 19 6.14 -0.26 2.73
N ARG A 20 6.54 0.37 1.63
CA ARG A 20 6.13 1.74 1.34
C ARG A 20 4.61 1.87 1.40
N ILE A 21 3.92 0.78 1.09
CA ILE A 21 2.46 0.77 1.11
C ILE A 21 1.92 0.71 2.53
N GLU A 22 2.58 -0.08 3.37
CA GLU A 22 2.18 -0.22 4.77
C GLU A 22 2.10 1.14 5.45
N VAL A 23 3.23 1.82 5.51
CA VAL A 23 3.30 3.13 6.14
C VAL A 23 2.24 4.07 5.59
N ALA A 24 2.15 4.15 4.27
CA ALA A 24 1.16 5.00 3.62
C ALA A 24 -0.24 4.69 4.11
N LEU A 25 -0.58 3.40 4.15
CA LEU A 25 -1.90 2.97 4.60
C LEU A 25 -2.17 3.46 6.02
N ILE A 26 -1.24 3.19 6.92
CA ILE A 26 -1.38 3.60 8.31
C ILE A 26 -1.67 5.09 8.42
N GLU A 27 -0.77 5.90 7.87
CA GLU A 27 -0.92 7.34 7.91
C GLU A 27 -2.28 7.76 7.37
N TYR A 28 -2.68 7.16 6.25
CA TYR A 28 -3.97 7.46 5.63
C TYR A 28 -5.12 7.17 6.58
N ARG A 29 -5.13 5.95 7.12
CA ARG A 29 -6.17 5.53 8.04
C ARG A 29 -6.32 6.55 9.18
N GLU A 30 -5.22 6.83 9.86
CA GLU A 30 -5.24 7.79 10.96
C GLU A 30 -5.82 9.13 10.53
N THR A 31 -5.34 9.63 9.39
CA THR A 31 -5.81 10.91 8.87
C THR A 31 -7.31 10.88 8.63
N LEU A 32 -7.81 9.74 8.17
CA LEU A 32 -9.23 9.58 7.90
C LEU A 32 -10.04 9.66 9.18
N GLU A 33 -9.61 8.92 10.19
CA GLU A 33 -10.30 8.90 11.49
C GLU A 33 -10.33 10.29 12.10
N GLU A 34 -9.22 11.01 11.97
CA GLU A 34 -9.11 12.36 12.51
C GLU A 34 -9.83 13.37 11.62
N GLN A 35 -9.97 13.03 10.34
CA GLN A 35 -10.64 13.89 9.39
C GLN A 35 -12.14 13.94 9.65
N GLY A 36 -12.61 13.08 10.53
CA GLY A 36 -14.02 13.03 10.86
C GLY A 36 -14.67 11.71 10.49
N MET A 37 -13.96 10.91 9.70
CA MET A 37 -14.46 9.61 9.28
C MET A 37 -14.81 8.74 10.48
N LYS A 38 -16.10 8.49 10.68
CA LYS A 38 -16.56 7.67 11.79
C LYS A 38 -17.37 6.48 11.29
N ASN A 39 -17.09 6.05 10.07
CA ASN A 39 -17.79 4.92 9.47
C ASN A 39 -16.81 3.94 8.84
N PRO A 40 -17.16 2.65 8.87
CA PRO A 40 -16.32 1.58 8.30
C PRO A 40 -16.26 1.64 6.78
N GLU A 41 -17.43 1.74 6.16
CA GLU A 41 -17.51 1.81 4.70
C GLU A 41 -16.67 2.96 4.15
N GLU A 42 -16.79 4.13 4.80
CA GLU A 42 -16.04 5.31 4.38
C GLU A 42 -14.53 5.04 4.41
N ILE A 43 -14.02 4.72 5.59
CA ILE A 43 -12.60 4.44 5.76
C ILE A 43 -12.16 3.32 4.83
N GLU A 44 -12.82 2.17 4.92
CA GLU A 44 -12.49 1.03 4.09
C GLU A 44 -12.47 1.41 2.61
N ARG A 45 -13.43 2.24 2.21
CA ARG A 45 -13.51 2.68 0.82
C ARG A 45 -12.26 3.46 0.42
N LYS A 46 -12.02 4.57 1.10
CA LYS A 46 -10.85 5.41 0.83
C LYS A 46 -9.57 4.60 0.91
N VAL A 47 -9.40 3.88 2.02
CA VAL A 47 -8.21 3.07 2.23
C VAL A 47 -8.03 2.07 1.10
N GLU A 48 -9.08 1.32 0.81
CA GLU A 48 -9.05 0.31 -0.26
C GLU A 48 -8.53 0.93 -1.56
N ILE A 49 -9.17 2.02 -1.99
CA ILE A 49 -8.77 2.69 -3.21
C ILE A 49 -7.31 3.11 -3.17
N ASN A 50 -6.88 3.60 -2.01
CA ASN A 50 -5.50 4.03 -1.83
C ASN A 50 -4.54 2.85 -1.92
N ARG A 51 -4.94 1.72 -1.34
CA ARG A 51 -4.11 0.52 -1.36
C ARG A 51 -3.89 0.03 -2.80
N LYS A 52 -4.99 -0.16 -3.53
CA LYS A 52 -4.92 -0.61 -4.90
C LYS A 52 -4.15 0.38 -5.77
N ARG A 53 -4.40 1.66 -5.56
CA ARG A 53 -3.73 2.70 -6.33
C ARG A 53 -2.22 2.63 -6.14
N LEU A 54 -1.78 2.68 -4.89
CA LEU A 54 -0.36 2.62 -4.58
C LEU A 54 0.27 1.36 -5.18
N GLU A 55 -0.34 0.22 -4.90
CA GLU A 55 0.15 -1.06 -5.41
C GLU A 55 0.39 -1.00 -6.92
N VAL A 56 -0.65 -0.57 -7.65
CA VAL A 56 -0.55 -0.46 -9.10
C VAL A 56 0.44 0.61 -9.51
N ASP A 57 0.65 1.59 -8.63
CA ASP A 57 1.58 2.68 -8.90
C ASP A 57 3.03 2.23 -8.65
N TYR A 58 3.19 1.21 -7.82
CA TYR A 58 4.51 0.69 -7.50
C TYR A 58 4.91 -0.43 -8.46
N GLY A 59 3.93 -1.25 -8.83
CA GLY A 59 4.19 -2.35 -9.74
C GLY A 59 3.75 -3.69 -9.18
N LEU A 60 2.75 -3.66 -8.31
CA LEU A 60 2.23 -4.88 -7.70
C LEU A 60 0.91 -5.29 -8.33
N SER A 61 0.65 -4.79 -9.54
CA SER A 61 -0.58 -5.10 -10.26
C SER A 61 -0.61 -4.41 -11.61
N GLY A 1 -1.10 -6.99 -19.03
CA GLY A 1 0.26 -7.38 -18.69
C GLY A 1 0.33 -8.74 -18.02
N SER A 2 0.16 -9.79 -18.81
CA SER A 2 0.20 -11.16 -18.29
C SER A 2 1.24 -12.00 -19.03
N SER A 3 1.03 -12.17 -20.33
CA SER A 3 1.94 -12.96 -21.16
C SER A 3 3.15 -12.12 -21.57
N GLY A 4 4.28 -12.38 -20.93
CA GLY A 4 5.49 -11.65 -21.24
C GLY A 4 6.72 -12.25 -20.57
N SER A 5 7.88 -11.66 -20.85
CA SER A 5 9.13 -12.14 -20.27
C SER A 5 9.30 -11.65 -18.83
N SER A 6 10.18 -12.30 -18.09
CA SER A 6 10.43 -11.93 -16.70
C SER A 6 11.63 -12.70 -16.15
N GLY A 7 12.69 -11.97 -15.82
CA GLY A 7 13.89 -12.59 -15.28
C GLY A 7 13.81 -12.78 -13.78
N ASN A 8 14.90 -12.44 -13.09
CA ASN A 8 14.96 -12.58 -11.64
C ASN A 8 15.45 -11.29 -10.99
N GLY A 9 15.34 -11.22 -9.66
CA GLY A 9 15.79 -10.04 -8.95
C GLY A 9 14.68 -9.04 -8.73
N MET A 10 13.63 -9.14 -9.55
CA MET A 10 12.49 -8.22 -9.44
C MET A 10 11.81 -8.38 -8.09
N ASP A 11 11.82 -9.59 -7.55
CA ASP A 11 11.20 -9.87 -6.26
C ASP A 11 11.74 -8.93 -5.18
N GLU A 12 13.07 -8.86 -5.07
CA GLU A 12 13.70 -8.00 -4.09
C GLU A 12 13.26 -6.55 -4.26
N GLU A 13 12.86 -6.20 -5.47
CA GLU A 13 12.41 -4.84 -5.77
C GLU A 13 10.95 -4.66 -5.38
N GLN A 14 10.18 -5.74 -5.46
CA GLN A 14 8.76 -5.71 -5.12
C GLN A 14 8.56 -5.76 -3.61
N ARG A 15 9.31 -6.64 -2.96
CA ARG A 15 9.21 -6.80 -1.51
C ARG A 15 9.41 -5.46 -0.80
N GLN A 16 10.25 -4.61 -1.38
CA GLN A 16 10.53 -3.30 -0.81
C GLN A 16 9.38 -2.33 -1.09
N LYS A 17 8.66 -2.58 -2.17
CA LYS A 17 7.53 -1.73 -2.54
C LYS A 17 6.34 -1.96 -1.62
N ARG A 18 6.27 -3.15 -1.04
CA ARG A 18 5.18 -3.50 -0.13
C ARG A 18 5.28 -2.71 1.16
N ARG A 19 6.50 -2.40 1.57
CA ARG A 19 6.74 -1.65 2.79
C ARG A 19 6.18 -0.23 2.68
N ARG A 20 6.47 0.43 1.56
CA ARG A 20 6.00 1.79 1.33
C ARG A 20 4.49 1.86 1.43
N ILE A 21 3.82 0.74 1.16
CA ILE A 21 2.36 0.69 1.23
C ILE A 21 1.87 0.64 2.67
N GLU A 22 2.55 -0.15 3.49
CA GLU A 22 2.18 -0.27 4.91
C GLU A 22 2.11 1.09 5.57
N VAL A 23 3.24 1.78 5.65
CA VAL A 23 3.30 3.10 6.26
C VAL A 23 2.26 4.03 5.66
N ALA A 24 2.16 4.03 4.34
CA ALA A 24 1.20 4.87 3.64
C ALA A 24 -0.23 4.60 4.14
N LEU A 25 -0.61 3.34 4.16
CA LEU A 25 -1.95 2.95 4.62
C LEU A 25 -2.20 3.46 6.04
N ILE A 26 -1.27 3.17 6.94
CA ILE A 26 -1.40 3.59 8.33
C ILE A 26 -1.68 5.09 8.42
N GLU A 27 -0.77 5.89 7.86
CA GLU A 27 -0.91 7.34 7.88
C GLU A 27 -2.29 7.75 7.36
N TYR A 28 -2.69 7.16 6.24
CA TYR A 28 -3.98 7.47 5.63
C TYR A 28 -5.12 7.17 6.60
N ARG A 29 -5.13 5.96 7.15
CA ARG A 29 -6.16 5.55 8.08
C ARG A 29 -6.31 6.57 9.21
N GLU A 30 -5.20 6.88 9.87
CA GLU A 30 -5.20 7.84 10.97
C GLU A 30 -5.80 9.17 10.52
N THR A 31 -5.32 9.68 9.39
CA THR A 31 -5.81 10.94 8.85
C THR A 31 -7.31 10.91 8.62
N LEU A 32 -7.80 9.76 8.15
CA LEU A 32 -9.22 9.60 7.88
C LEU A 32 -10.03 9.69 9.17
N GLU A 33 -9.60 8.94 10.18
CA GLU A 33 -10.29 8.95 11.47
C GLU A 33 -10.30 10.34 12.08
N GLU A 34 -9.19 11.07 11.93
CA GLU A 34 -9.09 12.41 12.47
C GLU A 34 -9.84 13.41 11.59
N GLN A 35 -10.01 13.06 10.31
CA GLN A 35 -10.70 13.92 9.37
C GLN A 35 -12.20 13.93 9.64
N GLY A 36 -12.64 13.06 10.55
CA GLY A 36 -14.05 12.99 10.89
C GLY A 36 -14.66 11.64 10.55
N MET A 37 -13.94 10.85 9.75
CA MET A 37 -14.41 9.53 9.35
C MET A 37 -14.68 8.66 10.58
N LYS A 38 -15.97 8.35 10.80
CA LYS A 38 -16.36 7.54 11.94
C LYS A 38 -17.17 6.33 11.48
N ASN A 39 -16.95 5.91 10.22
CA ASN A 39 -17.67 4.77 9.67
C ASN A 39 -16.69 3.81 8.99
N PRO A 40 -17.03 2.51 9.02
CA PRO A 40 -16.20 1.46 8.42
C PRO A 40 -16.20 1.53 6.89
N GLU A 41 -17.39 1.62 6.31
CA GLU A 41 -17.53 1.70 4.86
C GLU A 41 -16.67 2.83 4.29
N GLU A 42 -16.84 4.03 4.84
CA GLU A 42 -16.09 5.19 4.39
C GLU A 42 -14.60 4.90 4.38
N ILE A 43 -14.04 4.65 5.56
CA ILE A 43 -12.61 4.36 5.70
C ILE A 43 -12.20 3.24 4.75
N GLU A 44 -12.87 2.10 4.85
CA GLU A 44 -12.57 0.95 4.01
C GLU A 44 -12.55 1.35 2.54
N ARG A 45 -13.45 2.26 2.16
CA ARG A 45 -13.55 2.72 0.79
C ARG A 45 -12.29 3.49 0.39
N LYS A 46 -12.04 4.59 1.09
CA LYS A 46 -10.87 5.43 0.81
C LYS A 46 -9.59 4.61 0.90
N VAL A 47 -9.40 3.90 2.01
CA VAL A 47 -8.22 3.08 2.21
C VAL A 47 -8.02 2.10 1.05
N GLU A 48 -9.09 1.38 0.73
CA GLU A 48 -9.04 0.41 -0.36
C GLU A 48 -8.53 1.05 -1.65
N ILE A 49 -9.17 2.15 -2.05
CA ILE A 49 -8.78 2.86 -3.26
C ILE A 49 -7.31 3.22 -3.23
N ASN A 50 -6.85 3.76 -2.12
CA ASN A 50 -5.45 4.14 -1.97
C ASN A 50 -4.54 2.93 -2.09
N ARG A 51 -4.86 1.88 -1.35
CA ARG A 51 -4.08 0.65 -1.37
C ARG A 51 -3.88 0.15 -2.81
N LYS A 52 -4.97 0.06 -3.55
CA LYS A 52 -4.91 -0.40 -4.94
C LYS A 52 -4.09 0.56 -5.78
N ARG A 53 -4.26 1.85 -5.55
CA ARG A 53 -3.53 2.87 -6.30
C ARG A 53 -2.03 2.72 -6.11
N LEU A 54 -1.61 2.69 -4.85
CA LEU A 54 -0.19 2.55 -4.52
C LEU A 54 0.38 1.26 -5.11
N GLU A 55 -0.28 0.14 -4.84
CA GLU A 55 0.17 -1.14 -5.35
C GLU A 55 0.37 -1.10 -6.85
N VAL A 56 -0.67 -0.70 -7.56
CA VAL A 56 -0.61 -0.60 -9.02
C VAL A 56 0.41 0.44 -9.46
N ASP A 57 0.66 1.43 -8.60
CA ASP A 57 1.62 2.48 -8.90
C ASP A 57 3.05 1.99 -8.67
N TYR A 58 3.20 0.97 -7.84
CA TYR A 58 4.51 0.42 -7.54
C TYR A 58 4.82 -0.77 -8.44
N GLY A 59 3.79 -1.53 -8.79
CA GLY A 59 3.98 -2.69 -9.65
C GLY A 59 3.46 -3.97 -9.02
N LEU A 60 2.61 -3.83 -8.01
CA LEU A 60 2.04 -4.98 -7.32
C LEU A 60 0.62 -5.26 -7.79
N SER A 61 0.29 -4.74 -8.97
CA SER A 61 -1.05 -4.93 -9.53
C SER A 61 -1.16 -4.25 -10.90
N GLY A 1 35.49 -14.63 -2.91
CA GLY A 1 34.57 -13.63 -3.45
C GLY A 1 34.07 -13.98 -4.83
N SER A 2 34.99 -14.33 -5.71
CA SER A 2 34.64 -14.69 -7.09
C SER A 2 33.65 -13.69 -7.67
N SER A 3 33.97 -12.41 -7.54
CA SER A 3 33.10 -11.35 -8.05
C SER A 3 33.29 -11.18 -9.55
N GLY A 4 32.58 -10.22 -10.13
CA GLY A 4 32.67 -9.97 -11.56
C GLY A 4 31.48 -10.54 -12.31
N SER A 5 30.31 -9.93 -12.13
CA SER A 5 29.10 -10.38 -12.79
C SER A 5 28.00 -9.33 -12.67
N SER A 6 27.03 -9.40 -13.59
CA SER A 6 25.92 -8.45 -13.59
C SER A 6 24.74 -9.00 -12.77
N GLY A 7 23.71 -8.17 -12.62
CA GLY A 7 22.54 -8.59 -11.86
C GLY A 7 22.06 -7.52 -10.92
N ASN A 8 21.50 -6.45 -11.47
CA ASN A 8 21.00 -5.34 -10.67
C ASN A 8 20.01 -5.84 -9.60
N GLY A 9 18.98 -6.54 -10.06
CA GLY A 9 17.98 -7.07 -9.13
C GLY A 9 16.71 -6.25 -9.13
N MET A 10 15.60 -6.88 -9.51
CA MET A 10 14.31 -6.21 -9.55
C MET A 10 13.41 -6.70 -8.43
N ASP A 11 13.50 -7.99 -8.11
CA ASP A 11 12.69 -8.59 -7.06
C ASP A 11 12.86 -7.82 -5.74
N GLU A 12 14.11 -7.52 -5.41
CA GLU A 12 14.41 -6.79 -4.18
C GLU A 12 13.63 -5.48 -4.10
N GLU A 13 13.38 -4.89 -5.27
CA GLU A 13 12.64 -3.64 -5.34
C GLU A 13 11.19 -3.84 -4.90
N GLN A 14 10.66 -5.03 -5.14
CA GLN A 14 9.29 -5.36 -4.77
C GLN A 14 9.15 -5.55 -3.27
N ARG A 15 10.20 -6.11 -2.66
CA ARG A 15 10.19 -6.35 -1.22
C ARG A 15 10.08 -5.03 -0.45
N GLN A 16 10.97 -4.10 -0.77
CA GLN A 16 10.97 -2.79 -0.11
C GLN A 16 9.66 -2.04 -0.39
N LYS A 17 9.13 -2.21 -1.59
CA LYS A 17 7.90 -1.55 -1.99
C LYS A 17 6.77 -1.88 -1.00
N ARG A 18 6.72 -3.13 -0.56
CA ARG A 18 5.69 -3.56 0.38
C ARG A 18 5.66 -2.67 1.61
N ARG A 19 6.83 -2.16 2.00
CA ARG A 19 6.94 -1.29 3.16
C ARG A 19 6.33 0.08 2.87
N ARG A 20 6.72 0.68 1.75
CA ARG A 20 6.22 1.99 1.36
C ARG A 20 4.69 2.00 1.36
N ILE A 21 4.09 0.85 1.07
CA ILE A 21 2.65 0.72 1.03
C ILE A 21 2.07 0.62 2.44
N GLU A 22 2.74 -0.13 3.30
CA GLU A 22 2.30 -0.32 4.68
C GLU A 22 2.21 1.03 5.40
N VAL A 23 3.34 1.71 5.51
CA VAL A 23 3.40 3.00 6.18
C VAL A 23 2.34 3.96 5.61
N ALA A 24 2.32 4.08 4.29
CA ALA A 24 1.36 4.96 3.62
C ALA A 24 -0.06 4.66 4.08
N LEU A 25 -0.44 3.39 4.03
CA LEU A 25 -1.78 2.97 4.44
C LEU A 25 -2.07 3.40 5.86
N ILE A 26 -1.16 3.09 6.78
CA ILE A 26 -1.33 3.45 8.18
C ILE A 26 -1.62 4.94 8.33
N GLU A 27 -0.70 5.77 7.84
CA GLU A 27 -0.86 7.22 7.92
C GLU A 27 -2.22 7.65 7.36
N TYR A 28 -2.55 7.16 6.17
CA TYR A 28 -3.81 7.49 5.52
C TYR A 28 -4.98 7.16 6.43
N ARG A 29 -5.03 5.92 6.92
CA ARG A 29 -6.11 5.48 7.80
C ARG A 29 -6.28 6.45 8.97
N GLU A 30 -5.18 6.70 9.69
CA GLU A 30 -5.22 7.60 10.84
C GLU A 30 -5.82 8.95 10.45
N THR A 31 -5.37 9.48 9.31
CA THR A 31 -5.85 10.77 8.82
C THR A 31 -7.37 10.74 8.60
N LEU A 32 -7.85 9.68 7.96
CA LEU A 32 -9.26 9.53 7.68
C LEU A 32 -10.07 9.46 8.98
N GLU A 33 -9.51 8.80 9.99
CA GLU A 33 -10.17 8.66 11.28
C GLU A 33 -10.28 10.03 11.98
N GLU A 34 -9.20 10.79 11.95
CA GLU A 34 -9.18 12.10 12.58
C GLU A 34 -9.94 13.12 11.73
N GLN A 35 -10.11 12.81 10.45
CA GLN A 35 -10.81 13.71 9.53
C GLN A 35 -12.27 13.85 9.95
N GLY A 36 -12.73 12.95 10.81
CA GLY A 36 -14.10 13.00 11.27
C GLY A 36 -14.91 11.77 10.86
N MET A 37 -14.33 10.97 9.97
CA MET A 37 -14.99 9.76 9.50
C MET A 37 -15.07 8.72 10.62
N LYS A 38 -16.29 8.42 11.04
CA LYS A 38 -16.50 7.44 12.10
C LYS A 38 -17.25 6.21 11.57
N ASN A 39 -17.23 6.03 10.26
CA ASN A 39 -17.90 4.91 9.62
C ASN A 39 -16.90 3.98 8.95
N PRO A 40 -17.21 2.67 8.96
CA PRO A 40 -16.34 1.65 8.36
C PRO A 40 -16.31 1.75 6.83
N GLU A 41 -17.49 1.83 6.23
CA GLU A 41 -17.60 1.92 4.78
C GLU A 41 -16.76 3.08 4.24
N GLU A 42 -16.89 4.24 4.87
CA GLU A 42 -16.14 5.42 4.46
C GLU A 42 -14.65 5.14 4.46
N ILE A 43 -14.09 4.90 5.63
CA ILE A 43 -12.67 4.63 5.77
C ILE A 43 -12.24 3.49 4.85
N GLU A 44 -12.91 2.35 4.97
CA GLU A 44 -12.60 1.19 4.15
C GLU A 44 -12.57 1.57 2.67
N ARG A 45 -13.52 2.39 2.25
CA ARG A 45 -13.60 2.83 0.86
C ARG A 45 -12.35 3.60 0.47
N LYS A 46 -12.11 4.71 1.15
CA LYS A 46 -10.94 5.55 0.87
C LYS A 46 -9.65 4.73 0.94
N VAL A 47 -9.47 4.02 2.04
CA VAL A 47 -8.28 3.19 2.23
C VAL A 47 -8.14 2.18 1.10
N GLU A 48 -9.24 1.51 0.77
CA GLU A 48 -9.23 0.51 -0.29
C GLU A 48 -8.69 1.10 -1.59
N ILE A 49 -9.28 2.19 -2.03
CA ILE A 49 -8.87 2.85 -3.26
C ILE A 49 -7.39 3.23 -3.21
N ASN A 50 -6.97 3.78 -2.07
CA ASN A 50 -5.58 4.18 -1.88
C ASN A 50 -4.65 2.97 -1.95
N ARG A 51 -5.09 1.86 -1.38
CA ARG A 51 -4.30 0.64 -1.38
C ARG A 51 -4.07 0.13 -2.80
N LYS A 52 -5.17 -0.11 -3.51
CA LYS A 52 -5.10 -0.60 -4.88
C LYS A 52 -4.28 0.34 -5.76
N ARG A 53 -4.47 1.65 -5.55
CA ARG A 53 -3.76 2.66 -6.31
C ARG A 53 -2.24 2.52 -6.11
N LEU A 54 -1.82 2.47 -4.86
CA LEU A 54 -0.41 2.34 -4.53
C LEU A 54 0.19 1.08 -5.16
N GLU A 55 -0.51 -0.04 -5.01
CA GLU A 55 -0.05 -1.30 -5.56
C GLU A 55 0.19 -1.18 -7.07
N VAL A 56 -0.83 -0.73 -7.79
CA VAL A 56 -0.74 -0.57 -9.24
C VAL A 56 0.29 0.50 -9.60
N ASP A 57 0.52 1.43 -8.68
CA ASP A 57 1.48 2.51 -8.91
C ASP A 57 2.90 1.98 -8.86
N TYR A 58 3.28 1.40 -7.73
CA TYR A 58 4.62 0.86 -7.55
C TYR A 58 4.94 -0.18 -8.64
N GLY A 59 3.90 -0.81 -9.15
CA GLY A 59 4.08 -1.82 -10.19
C GLY A 59 3.98 -3.22 -9.65
N LEU A 60 3.12 -3.43 -8.66
CA LEU A 60 2.94 -4.74 -8.05
C LEU A 60 1.78 -5.49 -8.70
N SER A 61 0.67 -4.78 -8.90
CA SER A 61 -0.51 -5.37 -9.51
C SER A 61 -0.69 -4.89 -10.95
N GLY A 1 -8.38 4.29 -21.62
CA GLY A 1 -9.11 4.13 -20.38
C GLY A 1 -8.29 3.47 -19.29
N SER A 2 -8.83 2.40 -18.71
CA SER A 2 -8.14 1.69 -17.65
C SER A 2 -7.57 0.36 -18.16
N SER A 3 -6.46 -0.07 -17.57
CA SER A 3 -5.81 -1.30 -17.97
C SER A 3 -6.18 -2.45 -17.02
N GLY A 4 -5.62 -2.42 -15.82
CA GLY A 4 -5.90 -3.45 -14.83
C GLY A 4 -4.67 -3.86 -14.05
N SER A 5 -4.70 -5.07 -13.51
CA SER A 5 -3.58 -5.58 -12.72
C SER A 5 -3.03 -6.87 -13.33
N SER A 6 -1.72 -6.91 -13.53
CA SER A 6 -1.07 -8.08 -14.11
C SER A 6 0.44 -7.93 -14.09
N GLY A 7 1.13 -8.89 -13.48
CA GLY A 7 2.57 -8.85 -13.39
C GLY A 7 3.11 -9.67 -12.24
N ASN A 8 4.13 -10.47 -12.51
CA ASN A 8 4.75 -11.30 -11.48
C ASN A 8 6.26 -11.14 -11.47
N GLY A 9 6.93 -11.98 -10.67
CA GLY A 9 8.38 -11.91 -10.60
C GLY A 9 8.87 -10.60 -10.00
N MET A 10 10.19 -10.45 -9.91
CA MET A 10 10.77 -9.24 -9.35
C MET A 10 10.32 -9.02 -7.92
N ASP A 11 9.93 -10.11 -7.25
CA ASP A 11 9.47 -10.04 -5.87
C ASP A 11 10.50 -9.33 -4.99
N GLU A 12 11.78 -9.57 -5.27
CA GLU A 12 12.87 -8.97 -4.52
C GLU A 12 12.73 -7.45 -4.51
N GLU A 13 12.18 -6.89 -5.58
CA GLU A 13 12.00 -5.45 -5.69
C GLU A 13 10.67 -5.02 -5.09
N GLN A 14 9.70 -5.93 -5.09
CA GLN A 14 8.38 -5.65 -4.54
C GLN A 14 8.45 -5.44 -3.04
N ARG A 15 9.33 -6.18 -2.38
CA ARG A 15 9.49 -6.09 -0.94
C ARG A 15 9.72 -4.63 -0.51
N GLN A 16 10.55 -3.93 -1.27
CA GLN A 16 10.85 -2.53 -0.97
C GLN A 16 9.61 -1.66 -1.10
N LYS A 17 8.67 -2.10 -1.94
CA LYS A 17 7.43 -1.37 -2.16
C LYS A 17 6.40 -1.73 -1.10
N ARG A 18 6.39 -2.98 -0.69
CA ARG A 18 5.44 -3.45 0.32
C ARG A 18 5.52 -2.60 1.58
N ARG A 19 6.72 -2.11 1.89
CA ARG A 19 6.93 -1.28 3.06
C ARG A 19 6.36 0.12 2.85
N ARG A 20 6.52 0.63 1.63
CA ARG A 20 6.01 1.96 1.30
C ARG A 20 4.49 2.01 1.41
N ILE A 21 3.84 0.91 1.04
CA ILE A 21 2.39 0.83 1.10
C ILE A 21 1.90 0.71 2.53
N GLU A 22 2.61 -0.08 3.33
CA GLU A 22 2.25 -0.29 4.73
C GLU A 22 2.17 1.05 5.47
N VAL A 23 3.31 1.72 5.60
CA VAL A 23 3.37 3.00 6.29
C VAL A 23 2.34 3.97 5.72
N ALA A 24 2.29 4.08 4.40
CA ALA A 24 1.35 4.97 3.74
C ALA A 24 -0.09 4.67 4.17
N LEU A 25 -0.45 3.39 4.11
CA LEU A 25 -1.80 2.97 4.50
C LEU A 25 -2.12 3.39 5.92
N ILE A 26 -1.23 3.07 6.85
CA ILE A 26 -1.41 3.42 8.25
C ILE A 26 -1.68 4.91 8.41
N GLU A 27 -0.74 5.74 7.94
CA GLU A 27 -0.87 7.18 8.03
C GLU A 27 -2.20 7.64 7.44
N TYR A 28 -2.56 7.07 6.29
CA TYR A 28 -3.81 7.43 5.62
C TYR A 28 -5.01 7.11 6.51
N ARG A 29 -5.08 5.87 6.98
CA ARG A 29 -6.19 5.44 7.83
C ARG A 29 -6.36 6.40 9.01
N GLU A 30 -5.27 6.66 9.72
CA GLU A 30 -5.30 7.56 10.87
C GLU A 30 -5.85 8.93 10.49
N THR A 31 -5.30 9.49 9.42
CA THR A 31 -5.72 10.80 8.93
C THR A 31 -7.23 10.84 8.72
N LEU A 32 -7.76 9.82 8.06
CA LEU A 32 -9.19 9.73 7.79
C LEU A 32 -9.98 9.69 9.09
N GLU A 33 -9.52 8.86 10.03
CA GLU A 33 -10.19 8.73 11.32
C GLU A 33 -10.28 10.06 12.04
N GLU A 34 -9.20 10.84 11.97
CA GLU A 34 -9.17 12.14 12.62
C GLU A 34 -9.90 13.19 11.78
N GLN A 35 -10.01 12.92 10.48
CA GLN A 35 -10.69 13.83 9.58
C GLN A 35 -12.18 13.92 9.90
N GLY A 36 -12.66 12.98 10.71
CA GLY A 36 -14.07 12.96 11.08
C GLY A 36 -14.77 11.71 10.59
N MET A 37 -14.11 10.95 9.74
CA MET A 37 -14.68 9.72 9.20
C MET A 37 -14.76 8.63 10.27
N LYS A 38 -15.96 8.40 10.78
CA LYS A 38 -16.17 7.39 11.81
C LYS A 38 -16.85 6.15 11.23
N ASN A 39 -17.30 6.26 9.99
CA ASN A 39 -17.97 5.15 9.32
C ASN A 39 -16.96 4.17 8.73
N PRO A 40 -17.27 2.87 8.79
CA PRO A 40 -16.41 1.82 8.27
C PRO A 40 -16.34 1.83 6.75
N GLU A 41 -17.49 1.88 6.10
CA GLU A 41 -17.56 1.90 4.65
C GLU A 41 -16.76 3.06 4.08
N GLU A 42 -16.80 4.19 4.77
CA GLU A 42 -16.07 5.39 4.34
C GLU A 42 -14.56 5.14 4.36
N ILE A 43 -14.05 4.86 5.55
CA ILE A 43 -12.62 4.61 5.72
C ILE A 43 -12.16 3.45 4.86
N GLU A 44 -12.87 2.33 4.94
CA GLU A 44 -12.54 1.15 4.15
C GLU A 44 -12.48 1.49 2.66
N ARG A 45 -13.47 2.22 2.18
CA ARG A 45 -13.52 2.61 0.78
C ARG A 45 -12.28 3.40 0.39
N LYS A 46 -12.04 4.49 1.10
CA LYS A 46 -10.88 5.34 0.82
C LYS A 46 -9.58 4.55 0.93
N VAL A 47 -9.36 3.93 2.09
CA VAL A 47 -8.15 3.14 2.32
C VAL A 47 -7.99 2.08 1.24
N GLU A 48 -9.11 1.52 0.78
CA GLU A 48 -9.07 0.50 -0.26
C GLU A 48 -8.53 1.06 -1.56
N ILE A 49 -9.18 2.11 -2.06
CA ILE A 49 -8.76 2.74 -3.30
C ILE A 49 -7.28 3.13 -3.26
N ASN A 50 -6.86 3.69 -2.13
CA ASN A 50 -5.47 4.11 -1.95
C ASN A 50 -4.54 2.91 -2.06
N ARG A 51 -4.81 1.87 -1.29
CA ARG A 51 -3.99 0.67 -1.29
C ARG A 51 -3.82 0.13 -2.72
N LYS A 52 -4.95 -0.09 -3.39
CA LYS A 52 -4.93 -0.61 -4.76
C LYS A 52 -4.16 0.34 -5.68
N ARG A 53 -4.43 1.63 -5.55
CA ARG A 53 -3.77 2.64 -6.37
C ARG A 53 -2.25 2.57 -6.19
N LEU A 54 -1.81 2.47 -4.94
CA LEU A 54 -0.39 2.41 -4.63
C LEU A 54 0.23 1.15 -5.24
N GLU A 55 -0.41 0.01 -5.04
CA GLU A 55 0.08 -1.25 -5.55
C GLU A 55 0.27 -1.19 -7.07
N VAL A 56 -0.79 -0.82 -7.78
CA VAL A 56 -0.74 -0.70 -9.23
C VAL A 56 0.27 0.34 -9.67
N ASP A 57 0.37 1.42 -8.90
CA ASP A 57 1.31 2.49 -9.21
C ASP A 57 2.75 1.98 -9.16
N TYR A 58 3.14 1.41 -8.03
CA TYR A 58 4.49 0.89 -7.87
C TYR A 58 4.78 -0.20 -8.88
N GLY A 59 3.73 -0.87 -9.35
CA GLY A 59 3.90 -1.93 -10.33
C GLY A 59 3.71 -3.31 -9.73
N LEU A 60 3.06 -3.37 -8.58
CA LEU A 60 2.82 -4.64 -7.91
C LEU A 60 1.52 -5.28 -8.38
N SER A 61 0.54 -4.44 -8.75
CA SER A 61 -0.74 -4.91 -9.22
C SER A 61 -1.12 -4.25 -10.54
N GLY A 1 17.56 -10.95 -0.46
CA GLY A 1 18.51 -10.74 0.62
C GLY A 1 19.94 -10.80 0.16
N SER A 2 20.55 -11.98 0.25
CA SER A 2 21.93 -12.17 -0.15
C SER A 2 22.05 -12.27 -1.67
N SER A 3 22.57 -11.21 -2.29
CA SER A 3 22.73 -11.17 -3.73
C SER A 3 24.03 -11.83 -4.15
N GLY A 4 24.10 -12.25 -5.41
CA GLY A 4 25.31 -12.88 -5.92
C GLY A 4 25.47 -12.73 -7.42
N SER A 5 24.48 -13.20 -8.16
CA SER A 5 24.51 -13.11 -9.62
C SER A 5 23.41 -12.19 -10.13
N SER A 6 23.39 -11.98 -11.45
CA SER A 6 22.39 -11.11 -12.06
C SER A 6 21.40 -11.93 -12.88
N GLY A 7 20.13 -11.88 -12.46
CA GLY A 7 19.09 -12.62 -13.15
C GLY A 7 17.78 -11.88 -13.19
N ASN A 8 16.70 -12.59 -13.55
CA ASN A 8 15.38 -11.98 -13.62
C ASN A 8 14.55 -12.32 -12.39
N GLY A 9 13.37 -11.73 -12.30
CA GLY A 9 12.51 -11.98 -11.16
C GLY A 9 11.99 -10.70 -10.52
N MET A 10 12.91 -9.83 -10.13
CA MET A 10 12.55 -8.56 -9.50
C MET A 10 11.65 -8.80 -8.30
N ASP A 11 11.93 -9.86 -7.55
CA ASP A 11 11.14 -10.20 -6.37
C ASP A 11 11.52 -9.30 -5.20
N GLU A 12 12.81 -9.23 -4.91
CA GLU A 12 13.31 -8.42 -3.80
C GLU A 12 12.87 -6.96 -3.96
N GLU A 13 12.65 -6.55 -5.21
CA GLU A 13 12.22 -5.18 -5.50
C GLU A 13 10.77 -4.97 -5.07
N GLN A 14 10.00 -6.04 -5.07
CA GLN A 14 8.59 -5.96 -4.68
C GLN A 14 8.45 -5.80 -3.17
N ARG A 15 9.24 -6.56 -2.43
CA ARG A 15 9.21 -6.51 -0.98
C ARG A 15 9.35 -5.08 -0.48
N GLN A 16 10.27 -4.33 -1.09
CA GLN A 16 10.51 -2.94 -0.71
C GLN A 16 9.30 -2.08 -1.02
N LYS A 17 8.65 -2.37 -2.15
CA LYS A 17 7.47 -1.62 -2.57
C LYS A 17 6.32 -1.82 -1.59
N ARG A 18 6.32 -2.96 -0.90
CA ARG A 18 5.28 -3.27 0.06
C ARG A 18 5.42 -2.43 1.31
N ARG A 19 6.65 -2.00 1.60
CA ARG A 19 6.92 -1.18 2.78
C ARG A 19 6.28 0.19 2.63
N ARG A 20 6.50 0.83 1.48
CA ARG A 20 5.95 2.16 1.23
C ARG A 20 4.43 2.15 1.36
N ILE A 21 3.82 1.00 1.06
CA ILE A 21 2.38 0.86 1.15
C ILE A 21 1.91 0.75 2.60
N GLU A 22 2.71 0.07 3.41
CA GLU A 22 2.38 -0.11 4.83
C GLU A 22 2.24 1.24 5.52
N VAL A 23 3.35 1.96 5.63
CA VAL A 23 3.36 3.27 6.27
C VAL A 23 2.28 4.18 5.68
N ALA A 24 2.10 4.10 4.37
CA ALA A 24 1.11 4.91 3.68
C ALA A 24 -0.31 4.56 4.16
N LEU A 25 -0.60 3.26 4.17
CA LEU A 25 -1.93 2.79 4.60
C LEU A 25 -2.23 3.24 6.02
N ILE A 26 -1.31 2.98 6.94
CA ILE A 26 -1.48 3.37 8.33
C ILE A 26 -1.73 4.87 8.46
N GLU A 27 -0.80 5.66 7.95
CA GLU A 27 -0.92 7.11 8.00
C GLU A 27 -2.27 7.57 7.45
N TYR A 28 -2.67 6.98 6.33
CA TYR A 28 -3.94 7.33 5.70
C TYR A 28 -5.11 7.03 6.64
N ARG A 29 -5.15 5.80 7.16
CA ARG A 29 -6.21 5.40 8.07
C ARG A 29 -6.37 6.40 9.21
N GLU A 30 -5.27 6.65 9.91
CA GLU A 30 -5.28 7.60 11.03
C GLU A 30 -5.82 8.95 10.60
N THR A 31 -5.27 9.47 9.50
CA THR A 31 -5.69 10.76 8.98
C THR A 31 -7.19 10.78 8.68
N LEU A 32 -7.68 9.67 8.17
CA LEU A 32 -9.10 9.55 7.83
C LEU A 32 -9.97 9.66 9.08
N GLU A 33 -9.65 8.86 10.10
CA GLU A 33 -10.39 8.87 11.34
C GLU A 33 -10.37 10.25 11.98
N GLU A 34 -9.22 10.91 11.91
CA GLU A 34 -9.06 12.25 12.48
C GLU A 34 -9.72 13.30 11.59
N GLN A 35 -9.88 12.97 10.32
CA GLN A 35 -10.49 13.90 9.36
C GLN A 35 -12.00 13.94 9.54
N GLY A 36 -12.50 13.08 10.43
CA GLY A 36 -13.94 13.03 10.68
C GLY A 36 -14.54 11.69 10.31
N MET A 37 -13.82 10.91 9.53
CA MET A 37 -14.29 9.59 9.10
C MET A 37 -14.63 8.72 10.30
N LYS A 38 -15.91 8.61 10.61
CA LYS A 38 -16.37 7.80 11.73
C LYS A 38 -17.21 6.62 11.25
N ASN A 39 -17.00 6.22 10.00
CA ASN A 39 -17.74 5.10 9.43
C ASN A 39 -16.79 4.08 8.80
N PRO A 40 -17.20 2.80 8.82
CA PRO A 40 -16.40 1.70 8.25
C PRO A 40 -16.34 1.77 6.73
N GLU A 41 -17.49 1.92 6.10
CA GLU A 41 -17.56 1.99 4.65
C GLU A 41 -16.69 3.11 4.11
N GLU A 42 -16.78 4.28 4.74
CA GLU A 42 -15.99 5.44 4.33
C GLU A 42 -14.50 5.12 4.35
N ILE A 43 -14.00 4.74 5.53
CA ILE A 43 -12.60 4.41 5.69
C ILE A 43 -12.19 3.28 4.75
N GLU A 44 -12.90 2.17 4.84
CA GLU A 44 -12.62 1.00 3.99
C GLU A 44 -12.57 1.41 2.53
N ARG A 45 -13.46 2.31 2.13
CA ARG A 45 -13.52 2.77 0.75
C ARG A 45 -12.25 3.52 0.38
N LYS A 46 -12.00 4.62 1.08
CA LYS A 46 -10.81 5.44 0.82
C LYS A 46 -9.54 4.60 0.91
N VAL A 47 -9.37 3.93 2.05
CA VAL A 47 -8.19 3.09 2.27
C VAL A 47 -8.00 2.11 1.11
N GLU A 48 -9.05 1.36 0.79
CA GLU A 48 -8.99 0.39 -0.29
C GLU A 48 -8.47 1.03 -1.57
N ILE A 49 -9.09 2.13 -1.97
CA ILE A 49 -8.69 2.85 -3.18
C ILE A 49 -7.22 3.21 -3.14
N ASN A 50 -6.75 3.65 -1.97
CA ASN A 50 -5.35 4.04 -1.80
C ASN A 50 -4.44 2.81 -1.90
N ARG A 51 -4.90 1.69 -1.36
CA ARG A 51 -4.13 0.45 -1.39
C ARG A 51 -3.95 -0.04 -2.82
N LYS A 52 -5.04 -0.07 -3.58
CA LYS A 52 -5.00 -0.52 -4.96
C LYS A 52 -4.21 0.44 -5.83
N ARG A 53 -4.36 1.74 -5.56
CA ARG A 53 -3.65 2.77 -6.31
C ARG A 53 -2.15 2.63 -6.13
N LEU A 54 -1.70 2.65 -4.88
CA LEU A 54 -0.28 2.53 -4.56
C LEU A 54 0.29 1.22 -5.10
N GLU A 55 -0.41 0.12 -4.81
CA GLU A 55 0.03 -1.20 -5.25
C GLU A 55 0.25 -1.21 -6.77
N VAL A 56 -0.79 -0.85 -7.51
CA VAL A 56 -0.70 -0.82 -8.96
C VAL A 56 0.32 0.20 -9.44
N ASP A 57 0.53 1.24 -8.63
CA ASP A 57 1.50 2.29 -8.97
C ASP A 57 2.92 1.81 -8.73
N TYR A 58 3.07 0.83 -7.84
CA TYR A 58 4.39 0.29 -7.51
C TYR A 58 4.71 -0.92 -8.38
N GLY A 59 3.68 -1.71 -8.68
CA GLY A 59 3.86 -2.89 -9.50
C GLY A 59 3.35 -4.16 -8.81
N LEU A 60 2.51 -3.98 -7.80
CA LEU A 60 1.95 -5.11 -7.06
C LEU A 60 0.51 -5.37 -7.49
N SER A 61 0.15 -4.88 -8.66
CA SER A 61 -1.21 -5.06 -9.19
C SER A 61 -1.35 -4.40 -10.56
#